data_6I8F
#
_entry.id   6I8F
#
_cell.length_a   82.226
_cell.length_b   86.045
_cell.length_c   98.166
_cell.angle_alpha   90.00
_cell.angle_beta   90.00
_cell.angle_gamma   90.00
#
_symmetry.space_group_name_H-M   'P 21 21 21'
#
loop_
_entity.id
_entity.type
_entity.pdbx_description
1 polymer EH1AB1
2 non-polymer DI(HYDROXYETHYL)ETHER
3 non-polymer GLYCEROL
4 non-polymer 'MAGNESIUM ION'
5 water water
#
_entity_poly.entity_id   1
_entity_poly.type   'polypeptide(L)'
_entity_poly.pdbx_seq_one_letter_code
;MAHHHHHHVDDDDKMLLPETRNLLDLMDAATRGGRPGLDTLPHAVGRKAVDKMSEDGEADPPEVAEVANGGFAGPASEIR
FRRYRPLGEAAGLLPTLIYYHGGGFVIGNIETHDSTCRRLANKSRCQVISIDYRLAPEHPFPAPIDDGIAAFRHIRDNAE
SFGADAARLAVGGDSAGGAMAAVVCQACRDAGETGPAFQMLIYPATDSSRESASRVAFAEGYFLSKAHMDWFWEAYVPED
TDLTDLRLSPLLATDFTGLPPAFVLTAGYDPLRDEGRAYADRLIEAGIKTTYVNYPGTIHGFFSLTRFLSQGLKANDEAA
AVMGAHFGT
;
_entity_poly.pdbx_strand_id   A,B
#
loop_
_chem_comp.id
_chem_comp.type
_chem_comp.name
_chem_comp.formula
GOL non-polymer GLYCEROL 'C3 H8 O3'
MG non-polymer 'MAGNESIUM ION' 'Mg 2'
PEG non-polymer DI(HYDROXYETHYL)ETHER 'C4 H10 O3'
#
# COMPACT_ATOMS: atom_id res chain seq x y z
N MET A 15 5.20 21.76 -8.25
CA MET A 15 4.73 20.34 -8.11
C MET A 15 5.87 19.40 -7.65
N LEU A 16 7.10 19.66 -8.10
CA LEU A 16 8.25 18.80 -7.80
C LEU A 16 8.76 19.09 -6.39
N LEU A 17 9.17 18.04 -5.68
CA LEU A 17 9.80 18.18 -4.40
C LEU A 17 11.16 18.86 -4.57
N PRO A 18 11.64 19.60 -3.55
CA PRO A 18 12.98 20.17 -3.57
C PRO A 18 14.09 19.21 -4.04
N GLU A 19 14.15 18.01 -3.45
CA GLU A 19 15.23 17.03 -3.79
C GLU A 19 15.14 16.66 -5.28
N THR A 20 13.92 16.59 -5.80
CA THR A 20 13.70 16.26 -7.21
C THR A 20 14.24 17.39 -8.09
N ARG A 21 13.78 18.61 -7.85
CA ARG A 21 14.27 19.83 -8.52
C ARG A 21 15.81 19.87 -8.47
N ASN A 22 16.38 19.64 -7.29
CA ASN A 22 17.82 19.67 -7.09
C ASN A 22 18.49 18.66 -8.04
N LEU A 23 17.94 17.44 -8.13
CA LEU A 23 18.53 16.43 -9.00
C LEU A 23 18.43 16.87 -10.48
N LEU A 24 17.28 17.42 -10.86
CA LEU A 24 17.05 17.83 -12.25
C LEU A 24 18.02 18.97 -12.62
N ASP A 25 18.26 19.89 -11.69
CA ASP A 25 19.27 20.95 -11.87
C ASP A 25 20.66 20.32 -12.10
N LEU A 26 20.97 19.25 -11.35
CA LEU A 26 22.25 18.55 -11.49
C LEU A 26 22.40 17.95 -12.90
N MET A 27 21.35 17.28 -13.36
CA MET A 27 21.38 16.66 -14.67
C MET A 27 21.51 17.74 -15.76
N ASP A 28 20.89 18.90 -15.53
CA ASP A 28 20.97 20.03 -16.45
C ASP A 28 22.42 20.55 -16.53
N ALA A 29 23.05 20.73 -15.36
CA ALA A 29 24.44 21.19 -15.28
C ALA A 29 25.34 20.22 -16.06
N ALA A 30 25.15 18.92 -15.83
CA ALA A 30 25.94 17.88 -16.49
C ALA A 30 25.83 18.02 -18.02
N THR A 31 24.65 18.40 -18.52
CA THR A 31 24.44 18.54 -19.97
C THR A 31 25.28 19.69 -20.55
N ARG A 32 25.49 20.74 -19.75
CA ARG A 32 26.24 21.90 -20.20
C ARG A 32 27.75 21.64 -20.08
N GLY A 33 28.12 20.51 -19.49
CA GLY A 33 29.51 20.07 -19.40
C GLY A 33 30.07 19.64 -20.75
N GLY A 34 29.19 19.42 -21.74
CA GLY A 34 29.57 19.25 -23.14
C GLY A 34 29.91 17.81 -23.52
N ARG A 35 29.53 16.84 -22.67
CA ARG A 35 29.71 15.42 -23.00
C ARG A 35 28.69 15.03 -24.07
N PRO A 36 29.01 14.12 -25.02
CA PRO A 36 28.02 13.66 -25.99
C PRO A 36 26.83 12.98 -25.31
N GLY A 37 25.62 13.25 -25.82
CA GLY A 37 24.39 12.62 -25.34
C GLY A 37 24.39 11.12 -25.55
N LEU A 38 23.55 10.44 -24.78
CA LEU A 38 23.47 8.97 -24.77
C LEU A 38 23.08 8.44 -26.16
N ASP A 39 22.30 9.25 -26.90
CA ASP A 39 21.80 8.93 -28.24
C ASP A 39 22.94 8.79 -29.26
N THR A 40 24.06 9.47 -29.03
CA THR A 40 25.15 9.55 -30.01
C THR A 40 26.12 8.38 -29.84
N LEU A 41 26.01 7.65 -28.74
CA LEU A 41 26.98 6.61 -28.41
C LEU A 41 26.50 5.25 -28.91
N PRO A 42 27.43 4.35 -29.29
CA PRO A 42 27.11 2.94 -29.46
C PRO A 42 26.49 2.38 -28.16
N HIS A 43 25.66 1.33 -28.27
CA HIS A 43 24.89 0.86 -27.13
C HIS A 43 25.82 0.30 -26.05
N ALA A 44 26.88 -0.43 -26.45
CA ALA A 44 27.79 -1.06 -25.46
C ALA A 44 28.55 0.01 -24.68
N VAL A 45 28.85 1.14 -25.34
CA VAL A 45 29.60 2.25 -24.75
C VAL A 45 28.69 3.02 -23.78
N GLY A 46 27.51 3.38 -24.28
CA GLY A 46 26.51 4.07 -23.49
C GLY A 46 26.09 3.26 -22.28
N ARG A 47 25.94 1.95 -22.47
CA ARG A 47 25.55 1.03 -21.41
C ARG A 47 26.56 1.12 -20.27
N LYS A 48 27.85 1.02 -20.62
CA LYS A 48 28.92 0.93 -19.65
C LYS A 48 28.98 2.21 -18.82
N ALA A 49 28.81 3.35 -19.49
CA ALA A 49 28.90 4.65 -18.86
C ALA A 49 27.69 4.90 -17.93
N VAL A 50 26.48 4.64 -18.43
CA VAL A 50 25.27 4.94 -17.68
C VAL A 50 25.14 3.95 -16.51
N ASP A 51 25.60 2.71 -16.71
CA ASP A 51 25.58 1.70 -15.64
C ASP A 51 26.40 2.18 -14.44
N LYS A 52 27.58 2.75 -14.68
CA LYS A 52 28.43 3.26 -13.59
C LYS A 52 27.71 4.41 -12.87
N MET A 53 27.04 5.29 -13.62
CA MET A 53 26.27 6.37 -13.05
C MET A 53 25.12 5.82 -12.20
N SER A 54 24.45 4.76 -12.68
CA SER A 54 23.36 4.12 -11.97
C SER A 54 23.89 3.49 -10.67
N GLU A 55 24.99 2.73 -10.75
CA GLU A 55 25.62 2.18 -9.56
C GLU A 55 25.87 3.27 -8.51
N ASP A 56 26.42 4.41 -8.97
CA ASP A 56 26.88 5.48 -8.09
C ASP A 56 25.70 6.38 -7.67
N GLY A 57 24.51 6.13 -8.22
CA GLY A 57 23.29 6.87 -7.92
C GLY A 57 22.41 6.18 -6.88
N GLU A 58 22.71 4.92 -6.56
CA GLU A 58 22.07 4.23 -5.45
C GLU A 58 22.67 4.72 -4.14
N ALA A 59 21.87 4.67 -3.07
CA ALA A 59 22.35 4.78 -1.70
C ALA A 59 23.47 3.76 -1.45
N ASP A 60 24.31 3.99 -0.44
CA ASP A 60 25.33 3.03 -0.05
C ASP A 60 24.69 1.70 0.32
N PRO A 61 25.31 0.57 -0.08
CA PRO A 61 24.71 -0.74 0.17
C PRO A 61 24.65 -1.08 1.66
N PRO A 62 23.44 -1.37 2.22
CA PRO A 62 23.35 -1.87 3.59
C PRO A 62 23.86 -3.31 3.67
N GLU A 63 24.37 -3.68 4.84
CA GLU A 63 24.77 -5.06 5.10
C GLU A 63 23.51 -5.93 5.07
N VAL A 64 23.66 -7.13 4.49
CA VAL A 64 22.68 -8.20 4.56
C VAL A 64 23.35 -9.40 5.24
N ALA A 65 22.58 -10.47 5.49
CA ALA A 65 23.13 -11.67 6.14
C ALA A 65 24.12 -12.36 5.20
N GLU A 66 23.82 -12.33 3.89
CA GLU A 66 24.62 -13.08 2.93
C GLU A 66 24.25 -12.63 1.51
N VAL A 67 25.24 -12.62 0.62
CA VAL A 67 25.02 -12.40 -0.80
C VAL A 67 25.68 -13.55 -1.56
N ALA A 68 24.92 -14.18 -2.46
CA ALA A 68 25.32 -15.36 -3.20
C ALA A 68 25.19 -15.10 -4.71
N ASN A 69 26.25 -15.46 -5.45
CA ASN A 69 26.31 -15.36 -6.91
C ASN A 69 26.35 -16.76 -7.51
N GLY A 70 25.57 -16.92 -8.58
CA GLY A 70 25.62 -18.10 -9.43
C GLY A 70 24.92 -17.85 -10.75
N GLY A 71 24.74 -18.92 -11.51
CA GLY A 71 24.01 -18.91 -12.77
C GLY A 71 23.35 -20.24 -13.02
N PHE A 72 22.40 -20.28 -13.96
CA PHE A 72 21.82 -21.52 -14.43
C PHE A 72 21.55 -21.38 -15.94
N ALA A 73 21.26 -22.51 -16.59
CA ALA A 73 21.06 -22.54 -18.04
C ALA A 73 19.70 -21.91 -18.36
N GLY A 74 19.73 -20.79 -19.08
CA GLY A 74 18.51 -20.18 -19.60
C GLY A 74 18.17 -20.75 -20.97
N PRO A 75 17.16 -20.20 -21.68
CA PRO A 75 16.77 -20.70 -22.99
C PRO A 75 17.90 -20.68 -24.02
N ALA A 76 18.72 -19.63 -24.01
CA ALA A 76 19.71 -19.43 -25.06
C ALA A 76 21.06 -18.96 -24.49
N SER A 77 21.26 -19.05 -23.17
CA SER A 77 22.48 -18.55 -22.53
C SER A 77 22.44 -18.90 -21.04
N GLU A 78 23.55 -18.59 -20.37
CA GLU A 78 23.57 -18.58 -18.92
C GLU A 78 22.75 -17.37 -18.45
N ILE A 79 21.99 -17.57 -17.38
CA ILE A 79 21.38 -16.47 -16.65
C ILE A 79 22.01 -16.44 -15.26
N ARG A 80 22.59 -15.29 -14.91
CA ARG A 80 23.22 -15.10 -13.64
C ARG A 80 22.22 -14.51 -12.66
N PHE A 81 22.40 -14.82 -11.38
CA PHE A 81 21.56 -14.29 -10.33
C PHE A 81 22.43 -13.89 -9.14
N ARG A 82 21.86 -13.03 -8.29
CA ARG A 82 22.46 -12.73 -7.00
C ARG A 82 21.37 -12.83 -5.94
N ARG A 83 21.62 -13.66 -4.92
CA ARG A 83 20.68 -13.87 -3.83
C ARG A 83 21.12 -13.02 -2.63
N TYR A 84 20.13 -12.37 -2.01
CA TYR A 84 20.35 -11.57 -0.84
C TYR A 84 19.52 -12.15 0.32
N ARG A 85 20.20 -12.55 1.39
CA ARG A 85 19.54 -13.06 2.59
C ARG A 85 19.37 -11.89 3.56
N PRO A 86 18.15 -11.61 4.05
CA PRO A 86 17.91 -10.49 4.95
C PRO A 86 18.66 -10.65 6.29
N LEU A 87 19.18 -9.55 6.83
CA LEU A 87 19.70 -9.50 8.19
C LEU A 87 18.67 -10.08 9.15
N GLY A 88 19.13 -10.99 10.03
CA GLY A 88 18.40 -11.42 11.21
C GLY A 88 17.51 -12.62 10.98
N GLU A 89 17.27 -13.00 9.72
CA GLU A 89 16.38 -14.13 9.40
C GLU A 89 17.21 -15.42 9.40
N ALA A 90 16.76 -16.40 10.18
CA ALA A 90 17.45 -17.69 10.37
C ALA A 90 16.69 -18.86 9.73
N ALA A 91 15.50 -18.63 9.18
CA ALA A 91 14.70 -19.72 8.61
C ALA A 91 15.39 -20.26 7.34
N GLY A 92 15.16 -21.53 7.05
CA GLY A 92 15.75 -22.19 5.89
C GLY A 92 15.17 -21.66 4.58
N LEU A 93 13.86 -21.88 4.40
CA LEU A 93 13.15 -21.49 3.20
C LEU A 93 12.46 -20.15 3.46
N LEU A 94 12.86 -19.12 2.71
CA LEU A 94 12.31 -17.79 2.92
C LEU A 94 11.33 -17.47 1.81
N PRO A 95 10.28 -16.67 2.11
CA PRO A 95 9.52 -16.00 1.07
C PRO A 95 10.57 -15.22 0.26
N THR A 96 10.40 -15.19 -1.06
CA THR A 96 11.47 -14.80 -1.97
C THR A 96 10.90 -13.91 -3.07
N LEU A 97 11.58 -12.79 -3.33
CA LEU A 97 11.25 -11.90 -4.43
C LEU A 97 12.28 -12.09 -5.55
N ILE A 98 11.82 -12.56 -6.71
CA ILE A 98 12.59 -12.54 -7.93
C ILE A 98 12.47 -11.16 -8.55
N TYR A 99 13.61 -10.46 -8.64
CA TYR A 99 13.70 -9.06 -9.01
C TYR A 99 14.39 -8.90 -10.37
N TYR A 100 13.75 -8.11 -11.24
CA TYR A 100 14.21 -7.75 -12.55
C TYR A 100 14.51 -6.25 -12.60
N HIS A 101 15.80 -5.90 -12.71
CA HIS A 101 16.26 -4.52 -12.81
C HIS A 101 15.62 -3.82 -14.01
N GLY A 102 15.52 -2.50 -13.91
CA GLY A 102 15.11 -1.66 -15.03
C GLY A 102 16.29 -1.26 -15.89
N GLY A 103 16.00 -0.45 -16.92
CA GLY A 103 16.99 0.02 -17.90
C GLY A 103 16.53 -0.15 -19.34
N GLY A 104 15.21 -0.16 -19.56
CA GLY A 104 14.64 -0.15 -20.90
C GLY A 104 14.96 -1.40 -21.72
N PHE A 105 15.35 -2.50 -21.05
CA PHE A 105 15.78 -3.75 -21.66
C PHE A 105 17.12 -3.58 -22.42
N VAL A 106 17.86 -2.50 -22.14
CA VAL A 106 19.11 -2.18 -22.86
C VAL A 106 20.27 -1.98 -21.89
N ILE A 107 20.00 -1.40 -20.71
CA ILE A 107 21.02 -1.14 -19.68
C ILE A 107 20.54 -1.68 -18.33
N GLY A 108 21.32 -1.41 -17.28
CA GLY A 108 21.08 -1.98 -15.96
C GLY A 108 21.59 -3.40 -15.87
N ASN A 109 21.90 -3.82 -14.64
CA ASN A 109 22.37 -5.17 -14.35
C ASN A 109 22.20 -5.37 -12.84
N ILE A 110 22.73 -6.48 -12.32
CA ILE A 110 22.61 -6.77 -10.90
C ILE A 110 23.26 -5.62 -10.07
N GLU A 111 24.35 -5.02 -10.57
CA GLU A 111 25.09 -4.06 -9.77
C GLU A 111 24.35 -2.71 -9.67
N THR A 112 23.62 -2.31 -10.72
CA THR A 112 22.95 -1.00 -10.76
C THR A 112 21.82 -0.93 -9.71
N HIS A 113 21.32 -2.09 -9.28
CA HIS A 113 20.16 -2.19 -8.37
C HIS A 113 20.52 -2.96 -7.09
N ASP A 114 21.82 -3.14 -6.84
CA ASP A 114 22.33 -3.96 -5.72
C ASP A 114 21.93 -3.38 -4.35
N SER A 115 22.17 -2.08 -4.14
CA SER A 115 21.83 -1.42 -2.87
C SER A 115 20.31 -1.48 -2.60
N THR A 116 19.53 -1.34 -3.68
CA THR A 116 18.08 -1.38 -3.64
C THR A 116 17.59 -2.78 -3.25
N CYS A 117 18.17 -3.82 -3.86
CA CYS A 117 17.79 -5.19 -3.54
C CYS A 117 18.16 -5.54 -2.09
N ARG A 118 19.32 -5.05 -1.64
CA ARG A 118 19.77 -5.26 -0.26
C ARG A 118 18.72 -4.68 0.70
N ARG A 119 18.29 -3.44 0.41
CA ARG A 119 17.36 -2.74 1.28
C ARG A 119 16.02 -3.47 1.24
N LEU A 120 15.59 -3.93 0.06
CA LEU A 120 14.29 -4.62 -0.04
C LEU A 120 14.32 -5.89 0.81
N ALA A 121 15.43 -6.64 0.76
CA ALA A 121 15.57 -7.88 1.53
C ALA A 121 15.44 -7.60 3.03
N ASN A 122 16.25 -6.66 3.52
CA ASN A 122 16.30 -6.34 4.95
C ASN A 122 14.93 -5.88 5.47
N LYS A 123 14.26 -5.02 4.69
CA LYS A 123 13.03 -4.37 5.12
C LYS A 123 11.85 -5.34 5.02
N SER A 124 11.88 -6.23 4.01
CA SER A 124 10.79 -7.17 3.79
C SER A 124 10.95 -8.43 4.65
N ARG A 125 12.18 -8.74 5.07
CA ARG A 125 12.54 -10.03 5.70
C ARG A 125 12.33 -11.15 4.69
N CYS A 126 12.36 -10.81 3.41
CA CYS A 126 12.27 -11.76 2.31
C CYS A 126 13.63 -11.88 1.62
N GLN A 127 13.99 -13.09 1.18
CA GLN A 127 15.09 -13.27 0.25
C GLN A 127 14.78 -12.47 -1.02
N VAL A 128 15.78 -11.80 -1.59
CA VAL A 128 15.69 -11.23 -2.96
C VAL A 128 16.69 -11.95 -3.87
N ILE A 129 16.22 -12.27 -5.08
CA ILE A 129 17.07 -12.86 -6.12
C ILE A 129 16.96 -11.97 -7.35
N SER A 130 18.04 -11.21 -7.61
CA SER A 130 18.14 -10.29 -8.73
C SER A 130 18.66 -11.03 -9.98
N ILE A 131 18.03 -10.77 -11.13
CA ILE A 131 18.25 -11.57 -12.32
C ILE A 131 18.98 -10.72 -13.37
N ASP A 132 20.01 -11.34 -13.95
CA ASP A 132 20.81 -10.76 -15.01
C ASP A 132 20.31 -11.34 -16.35
N TYR A 133 19.26 -10.74 -16.90
CA TYR A 133 18.66 -11.20 -18.14
C TYR A 133 19.39 -10.56 -19.33
N ARG A 134 19.37 -11.25 -20.47
CA ARG A 134 19.97 -10.73 -21.73
C ARG A 134 19.33 -9.39 -22.10
N LEU A 135 20.15 -8.50 -22.67
CA LEU A 135 19.76 -7.14 -23.03
C LEU A 135 19.86 -6.92 -24.54
N ALA A 136 19.04 -5.99 -25.04
CA ALA A 136 19.12 -5.41 -26.39
C ALA A 136 20.19 -4.32 -26.38
N PRO A 137 20.79 -4.00 -27.54
CA PRO A 137 20.40 -4.50 -28.86
C PRO A 137 20.87 -5.93 -29.19
N GLU A 138 21.80 -6.48 -28.40
CA GLU A 138 22.46 -7.73 -28.71
C GLU A 138 21.41 -8.85 -28.75
N HIS A 139 20.45 -8.79 -27.82
CA HIS A 139 19.43 -9.82 -27.66
C HIS A 139 18.08 -9.12 -27.57
N PRO A 140 17.49 -8.74 -28.72
CA PRO A 140 16.28 -7.92 -28.73
C PRO A 140 15.04 -8.72 -28.33
N PHE A 141 13.91 -8.03 -28.20
CA PHE A 141 12.60 -8.65 -27.96
C PHE A 141 12.46 -9.87 -28.88
N PRO A 142 12.07 -11.03 -28.34
CA PRO A 142 11.53 -11.21 -27.00
C PRO A 142 12.54 -11.79 -26.00
N ALA A 143 13.83 -11.74 -26.33
CA ALA A 143 14.89 -12.44 -25.55
C ALA A 143 14.85 -12.05 -24.07
N PRO A 144 14.79 -10.76 -23.70
CA PRO A 144 14.82 -10.40 -22.28
C PRO A 144 13.63 -10.96 -21.47
N ILE A 145 12.44 -10.89 -22.06
CA ILE A 145 11.20 -11.43 -21.49
C ILE A 145 11.34 -12.95 -21.35
N ASP A 146 11.90 -13.60 -22.38
CA ASP A 146 12.12 -15.04 -22.37
C ASP A 146 12.98 -15.43 -21.15
N ASP A 147 14.06 -14.68 -20.91
CA ASP A 147 14.95 -14.92 -19.77
C ASP A 147 14.20 -14.69 -18.46
N GLY A 148 13.39 -13.63 -18.39
CA GLY A 148 12.65 -13.31 -17.17
C GLY A 148 11.72 -14.45 -16.78
N ILE A 149 10.98 -14.94 -17.77
CA ILE A 149 10.09 -16.06 -17.61
C ILE A 149 10.91 -17.31 -17.21
N ALA A 150 12.01 -17.59 -17.91
CA ALA A 150 12.78 -18.83 -17.62
C ALA A 150 13.34 -18.76 -16.18
N ALA A 151 13.77 -17.57 -15.74
CA ALA A 151 14.31 -17.41 -14.37
C ALA A 151 13.26 -17.78 -13.32
N PHE A 152 12.03 -17.28 -13.51
CA PHE A 152 10.95 -17.56 -12.55
C PHE A 152 10.60 -19.05 -12.55
N ARG A 153 10.41 -19.63 -13.73
CA ARG A 153 10.06 -21.07 -13.84
C ARG A 153 11.18 -21.90 -13.17
N HIS A 154 12.44 -21.56 -13.43
CA HIS A 154 13.58 -22.33 -12.91
C HIS A 154 13.65 -22.26 -11.37
N ILE A 155 13.51 -21.06 -10.81
CA ILE A 155 13.53 -20.88 -9.35
C ILE A 155 12.28 -21.53 -8.72
N ARG A 156 11.12 -21.37 -9.35
CA ARG A 156 9.87 -22.01 -8.90
C ARG A 156 10.08 -23.53 -8.82
N ASP A 157 10.65 -24.11 -9.88
CA ASP A 157 10.74 -25.56 -9.98
C ASP A 157 11.86 -26.10 -9.10
N ASN A 158 12.77 -25.23 -8.65
CA ASN A 158 13.95 -25.61 -7.87
C ASN A 158 14.01 -24.78 -6.59
N ALA A 159 12.84 -24.49 -6.02
CA ALA A 159 12.68 -23.46 -5.00
C ALA A 159 13.62 -23.75 -3.82
N GLU A 160 13.64 -25.01 -3.38
CA GLU A 160 14.43 -25.43 -2.22
C GLU A 160 15.93 -25.18 -2.45
N SER A 161 16.42 -25.36 -3.68
CA SER A 161 17.82 -25.14 -4.02
C SER A 161 18.19 -23.67 -3.82
N PHE A 162 17.22 -22.78 -4.04
CA PHE A 162 17.43 -21.34 -3.90
C PHE A 162 17.01 -20.86 -2.50
N GLY A 163 16.74 -21.80 -1.57
CA GLY A 163 16.35 -21.47 -0.20
C GLY A 163 15.05 -20.67 -0.15
N ALA A 164 14.15 -20.99 -1.07
CA ALA A 164 12.91 -20.29 -1.29
C ALA A 164 11.72 -21.16 -0.89
N ASP A 165 10.78 -20.52 -0.18
CA ASP A 165 9.47 -21.07 0.07
C ASP A 165 8.62 -20.94 -1.21
N ALA A 166 8.32 -22.09 -1.82
CA ALA A 166 7.63 -22.22 -3.09
C ALA A 166 6.19 -21.68 -3.00
N ALA A 167 5.63 -21.64 -1.79
CA ALA A 167 4.31 -21.04 -1.59
C ALA A 167 4.39 -19.51 -1.55
N ARG A 168 5.61 -18.95 -1.42
CA ARG A 168 5.76 -17.49 -1.24
C ARG A 168 6.89 -16.98 -2.15
N LEU A 169 6.61 -17.06 -3.45
CA LEU A 169 7.52 -16.64 -4.52
C LEU A 169 6.92 -15.42 -5.22
N ALA A 170 7.52 -14.26 -5.05
CA ALA A 170 7.06 -13.04 -5.73
C ALA A 170 7.95 -12.78 -6.95
N VAL A 171 7.43 -11.98 -7.88
CA VAL A 171 8.25 -11.34 -8.91
C VAL A 171 8.07 -9.83 -8.77
N GLY A 172 9.08 -9.08 -9.22
CA GLY A 172 9.00 -7.66 -9.19
C GLY A 172 10.12 -7.03 -9.96
N GLY A 173 10.01 -5.72 -10.14
CA GLY A 173 11.01 -4.98 -10.88
C GLY A 173 10.57 -3.55 -11.09
N ASP A 174 11.51 -2.73 -11.53
CA ASP A 174 11.29 -1.31 -11.76
C ASP A 174 11.29 -1.04 -13.28
N SER A 175 10.32 -0.25 -13.75
CA SER A 175 10.26 0.20 -15.16
C SER A 175 10.17 -1.02 -16.09
N ALA A 176 11.12 -1.13 -17.03
CA ALA A 176 11.27 -2.35 -17.84
C ALA A 176 11.11 -3.61 -16.99
N GLY A 177 11.75 -3.63 -15.82
CA GLY A 177 11.68 -4.79 -14.94
C GLY A 177 10.27 -5.02 -14.40
N GLY A 178 9.53 -3.92 -14.22
CA GLY A 178 8.14 -3.97 -13.80
C GLY A 178 7.28 -4.60 -14.87
N ALA A 179 7.51 -4.18 -16.11
CA ALA A 179 6.83 -4.76 -17.26
C ALA A 179 7.13 -6.27 -17.28
N MET A 180 8.40 -6.62 -17.11
CA MET A 180 8.84 -8.03 -17.10
C MET A 180 8.05 -8.81 -16.06
N ALA A 181 7.98 -8.26 -14.83
CA ALA A 181 7.28 -8.91 -13.74
C ALA A 181 5.82 -9.10 -14.11
N ALA A 182 5.17 -8.06 -14.64
CA ALA A 182 3.75 -8.16 -15.00
C ALA A 182 3.56 -9.28 -16.03
N VAL A 183 4.45 -9.30 -17.03
CA VAL A 183 4.35 -10.22 -18.16
C VAL A 183 4.60 -11.65 -17.68
N VAL A 184 5.56 -11.86 -16.78
CA VAL A 184 5.82 -13.20 -16.23
C VAL A 184 4.53 -13.77 -15.63
N CYS A 185 3.80 -12.95 -14.87
CA CYS A 185 2.55 -13.42 -14.23
C CYS A 185 1.52 -13.83 -15.27
N GLN A 186 1.36 -13.01 -16.31
CA GLN A 186 0.39 -13.27 -17.39
C GLN A 186 0.81 -14.52 -18.18
N ALA A 187 2.12 -14.67 -18.41
CA ALA A 187 2.67 -15.82 -19.17
C ALA A 187 2.37 -17.14 -18.46
N CYS A 188 2.68 -17.20 -17.16
CA CYS A 188 2.37 -18.40 -16.37
C CYS A 188 0.86 -18.68 -16.38
N ARG A 189 0.06 -17.63 -16.19
CA ARG A 189 -1.37 -17.84 -16.14
C ARG A 189 -1.86 -18.37 -17.50
N ASP A 190 -1.44 -17.74 -18.60
CA ASP A 190 -1.92 -18.11 -19.93
C ASP A 190 -1.43 -19.52 -20.32
N ALA A 191 -0.31 -19.97 -19.76
CA ALA A 191 0.24 -21.30 -20.05
C ALA A 191 -0.36 -22.37 -19.12
N GLY A 192 -1.22 -21.98 -18.18
CA GLY A 192 -1.84 -22.90 -17.25
C GLY A 192 -0.88 -23.46 -16.22
N GLU A 193 0.18 -22.72 -15.88
CA GLU A 193 1.07 -23.23 -14.82
C GLU A 193 0.99 -22.30 -13.60
N THR A 194 1.62 -22.75 -12.50
CA THR A 194 1.73 -22.02 -11.27
C THR A 194 2.55 -20.74 -11.49
N GLY A 195 1.94 -19.61 -11.18
CA GLY A 195 2.58 -18.35 -11.31
C GLY A 195 3.06 -17.84 -9.96
N PRO A 196 3.65 -16.62 -9.93
CA PRO A 196 4.09 -15.99 -8.69
C PRO A 196 2.93 -15.80 -7.71
N ALA A 197 3.26 -15.79 -6.42
CA ALA A 197 2.29 -15.55 -5.35
C ALA A 197 2.00 -14.03 -5.19
N PHE A 198 2.84 -13.18 -5.80
CA PHE A 198 2.78 -11.73 -5.59
C PHE A 198 3.57 -11.06 -6.70
N GLN A 199 3.18 -9.83 -7.07
CA GLN A 199 3.89 -9.07 -8.09
C GLN A 199 4.12 -7.63 -7.58
N MET A 200 5.39 -7.20 -7.60
CA MET A 200 5.77 -5.88 -7.15
C MET A 200 6.15 -5.06 -8.39
N LEU A 201 5.23 -4.21 -8.84
CA LEU A 201 5.41 -3.45 -10.07
C LEU A 201 5.75 -1.98 -9.73
N ILE A 202 7.02 -1.63 -9.89
CA ILE A 202 7.53 -0.30 -9.60
C ILE A 202 7.58 0.49 -10.91
N TYR A 203 6.75 1.54 -10.99
CA TYR A 203 6.51 2.36 -12.19
C TYR A 203 6.73 1.53 -13.45
N PRO A 204 5.92 0.47 -13.69
CA PRO A 204 6.08 -0.35 -14.88
C PRO A 204 5.62 0.38 -16.14
N ALA A 205 6.25 0.03 -17.28
CA ALA A 205 5.69 0.23 -18.61
C ALA A 205 4.66 -0.88 -18.84
N THR A 206 3.43 -0.53 -19.25
CA THR A 206 2.38 -1.55 -19.40
C THR A 206 1.69 -1.48 -20.76
N ASP A 207 1.95 -0.43 -21.56
CA ASP A 207 1.23 -0.27 -22.82
C ASP A 207 2.14 0.45 -23.84
N SER A 208 2.58 -0.31 -24.85
CA SER A 208 3.41 0.19 -25.93
C SER A 208 2.58 0.64 -27.15
N SER A 209 1.26 0.49 -27.06
CA SER A 209 0.39 0.60 -28.23
C SER A 209 -0.23 2.00 -28.34
N ARG A 210 -0.39 2.69 -27.20
CA ARG A 210 -1.05 4.00 -27.15
C ARG A 210 -0.20 4.96 -26.32
N GLU A 211 -0.40 6.27 -26.56
CA GLU A 211 0.18 7.32 -25.73
C GLU A 211 -0.88 7.86 -24.78
N SER A 212 -0.70 7.56 -23.48
CA SER A 212 -1.51 8.12 -22.41
C SER A 212 -1.31 9.65 -22.35
N ALA A 213 -2.21 10.33 -21.64
CA ALA A 213 -2.06 11.76 -21.37
C ALA A 213 -0.67 12.05 -20.76
N SER A 214 -0.26 11.24 -19.77
CA SER A 214 1.01 11.48 -19.07
C SER A 214 2.20 11.30 -20.03
N ARG A 215 2.16 10.30 -20.91
CA ARG A 215 3.22 10.13 -21.93
C ARG A 215 3.30 11.38 -22.84
N VAL A 216 2.14 11.93 -23.24
CA VAL A 216 2.10 13.10 -24.13
C VAL A 216 2.67 14.32 -23.39
N ALA A 217 2.35 14.46 -22.09
CA ALA A 217 2.75 15.62 -21.29
C ALA A 217 4.28 15.72 -21.15
N PHE A 218 4.99 14.58 -21.23
CA PHE A 218 6.47 14.56 -21.10
C PHE A 218 7.11 14.20 -22.45
N ALA A 219 6.28 14.04 -23.49
CA ALA A 219 6.68 13.98 -24.91
C ALA A 219 6.73 15.41 -25.49
N GLU A 220 5.74 16.23 -25.14
CA GLU A 220 5.83 17.69 -25.28
C GLU A 220 6.76 18.20 -24.18
N GLY A 221 7.95 17.59 -24.11
CA GLY A 221 8.81 17.59 -22.93
C GLY A 221 10.20 17.10 -23.26
N TYR A 222 10.82 16.40 -22.31
CA TYR A 222 12.28 16.34 -22.23
C TYR A 222 12.84 14.94 -21.93
N PHE A 223 12.04 13.87 -22.00
CA PHE A 223 12.62 12.55 -21.75
C PHE A 223 13.79 12.40 -22.74
N LEU A 224 15.01 12.56 -22.22
CA LEU A 224 16.26 12.58 -23.00
C LEU A 224 16.02 13.25 -24.36
N SER A 225 15.53 14.50 -24.30
CA SER A 225 15.19 15.33 -25.48
C SER A 225 14.10 14.64 -26.31
N LYS A 226 12.99 14.28 -25.63
CA LYS A 226 11.79 13.62 -26.20
C LYS A 226 12.18 12.32 -26.91
N ALA A 227 12.66 12.45 -28.16
CA ALA A 227 12.79 11.35 -29.10
C ALA A 227 14.15 10.65 -28.94
N HIS A 228 14.70 10.59 -27.73
CA HIS A 228 15.75 9.62 -27.55
C HIS A 228 15.30 8.51 -26.59
N MET A 229 14.00 8.24 -26.71
CA MET A 229 13.40 6.95 -26.48
C MET A 229 13.87 5.96 -27.56
N ASP A 230 14.13 6.46 -28.78
CA ASP A 230 14.47 5.60 -29.93
C ASP A 230 15.73 4.80 -29.66
N TRP A 231 16.69 5.40 -28.95
CA TRP A 231 17.94 4.74 -28.60
C TRP A 231 17.65 3.42 -27.86
N PHE A 232 16.56 3.38 -27.08
CA PHE A 232 16.11 2.20 -26.38
C PHE A 232 15.17 1.36 -27.25
N TRP A 233 14.13 2.03 -27.74
CA TRP A 233 13.03 1.39 -28.42
C TRP A 233 13.51 0.62 -29.66
N GLU A 234 14.43 1.21 -30.42
CA GLU A 234 14.87 0.67 -31.71
C GLU A 234 15.89 -0.46 -31.51
N ALA A 235 16.53 -0.47 -30.34
CA ALA A 235 17.44 -1.53 -29.99
C ALA A 235 16.63 -2.80 -29.67
N TYR A 236 15.46 -2.60 -29.05
CA TYR A 236 14.70 -3.68 -28.40
C TYR A 236 13.68 -4.32 -29.35
N VAL A 237 12.94 -3.49 -30.09
CA VAL A 237 11.74 -3.94 -30.77
C VAL A 237 12.01 -4.08 -32.26
N PRO A 238 11.88 -5.30 -32.83
CA PRO A 238 11.93 -5.47 -34.28
C PRO A 238 10.81 -4.68 -34.98
N GLU A 239 11.18 -4.01 -36.08
CA GLU A 239 10.21 -3.44 -37.02
C GLU A 239 9.12 -4.47 -37.34
N ASP A 240 7.87 -4.00 -37.41
CA ASP A 240 6.69 -4.83 -37.74
C ASP A 240 6.27 -5.72 -36.55
N THR A 241 6.85 -5.53 -35.37
CA THR A 241 6.32 -6.20 -34.19
C THR A 241 4.94 -5.59 -33.94
N ASP A 242 3.93 -6.42 -33.72
CA ASP A 242 2.62 -5.95 -33.31
C ASP A 242 2.76 -5.37 -31.89
N LEU A 243 2.44 -4.08 -31.73
CA LEU A 243 2.66 -3.39 -30.48
C LEU A 243 1.53 -3.67 -29.48
N THR A 244 0.53 -4.47 -29.88
CA THR A 244 -0.49 -4.95 -28.96
C THR A 244 -0.09 -6.32 -28.41
N ASP A 245 1.04 -6.87 -28.87
CA ASP A 245 1.64 -8.03 -28.24
C ASP A 245 1.63 -7.82 -26.72
N LEU A 246 1.06 -8.77 -25.98
CA LEU A 246 0.90 -8.63 -24.53
C LEU A 246 2.26 -8.66 -23.80
N ARG A 247 3.33 -9.13 -24.45
CA ARG A 247 4.68 -9.06 -23.87
C ARG A 247 5.20 -7.63 -23.93
N LEU A 248 4.64 -6.79 -24.82
CA LEU A 248 4.99 -5.37 -24.87
C LEU A 248 3.93 -4.51 -24.17
N SER A 249 2.70 -5.01 -24.09
CA SER A 249 1.54 -4.22 -23.73
C SER A 249 0.63 -5.03 -22.81
N PRO A 250 1.11 -5.44 -21.62
CA PRO A 250 0.31 -6.30 -20.73
C PRO A 250 -1.00 -5.66 -20.25
N LEU A 251 -1.08 -4.32 -20.28
CA LEU A 251 -2.32 -3.61 -19.97
C LEU A 251 -3.49 -4.08 -20.85
N LEU A 252 -3.20 -4.59 -22.05
CA LEU A 252 -4.24 -4.89 -23.03
C LEU A 252 -4.80 -6.31 -22.86
N ALA A 253 -4.35 -7.06 -21.84
CA ALA A 253 -4.95 -8.38 -21.61
C ALA A 253 -6.48 -8.25 -21.49
N THR A 254 -7.15 -9.27 -22.00
CA THR A 254 -8.61 -9.41 -22.06
C THR A 254 -9.19 -9.63 -20.65
N ASP A 255 -8.41 -10.32 -19.82
CA ASP A 255 -8.86 -10.83 -18.56
C ASP A 255 -7.70 -10.75 -17.55
N PHE A 256 -7.94 -10.06 -16.44
CA PHE A 256 -6.97 -9.87 -15.36
C PHE A 256 -7.23 -10.84 -14.21
N THR A 257 -8.30 -11.65 -14.30
CA THR A 257 -8.62 -12.58 -13.22
C THR A 257 -7.53 -13.67 -13.20
N GLY A 258 -7.26 -14.18 -12.00
CA GLY A 258 -6.26 -15.23 -11.81
C GLY A 258 -4.83 -14.72 -11.75
N LEU A 259 -4.63 -13.40 -11.83
CA LEU A 259 -3.31 -12.82 -11.68
C LEU A 259 -3.03 -12.63 -10.20
N PRO A 260 -1.75 -12.69 -9.77
CA PRO A 260 -1.43 -12.65 -8.34
C PRO A 260 -1.61 -11.28 -7.68
N PRO A 261 -1.77 -11.25 -6.34
CA PRO A 261 -1.84 -9.98 -5.60
C PRO A 261 -0.62 -9.10 -5.95
N ALA A 262 -0.83 -7.78 -5.92
CA ALA A 262 0.10 -6.86 -6.51
C ALA A 262 0.30 -5.66 -5.60
N PHE A 263 1.49 -5.07 -5.72
CA PHE A 263 1.82 -3.73 -5.29
C PHE A 263 2.22 -2.96 -6.55
N VAL A 264 1.52 -1.86 -6.84
CA VAL A 264 1.79 -1.05 -8.04
C VAL A 264 2.11 0.38 -7.59
N LEU A 265 3.30 0.85 -7.94
CA LEU A 265 3.76 2.16 -7.55
C LEU A 265 3.94 3.02 -8.81
N THR A 266 3.43 4.26 -8.75
CA THR A 266 3.72 5.26 -9.77
C THR A 266 4.44 6.46 -9.16
N ALA A 267 5.26 7.09 -10.00
CA ALA A 267 5.88 8.38 -9.71
C ALA A 267 5.01 9.48 -10.35
N GLY A 268 4.84 10.59 -9.63
CA GLY A 268 3.95 11.70 -10.03
C GLY A 268 4.37 12.38 -11.33
N TYR A 269 5.67 12.63 -11.50
CA TYR A 269 6.21 13.34 -12.65
C TYR A 269 6.87 12.32 -13.58
N ASP A 270 6.04 11.50 -14.22
CA ASP A 270 6.47 10.31 -14.93
C ASP A 270 5.52 10.07 -16.09
N PRO A 271 6.01 9.97 -17.35
CA PRO A 271 5.13 9.63 -18.48
C PRO A 271 4.40 8.29 -18.33
N LEU A 272 4.97 7.33 -17.59
CA LEU A 272 4.40 5.98 -17.41
C LEU A 272 3.38 5.95 -16.27
N ARG A 273 3.18 7.08 -15.58
CA ARG A 273 2.28 7.17 -14.43
C ARG A 273 0.89 6.62 -14.78
N ASP A 274 0.28 7.11 -15.86
CA ASP A 274 -1.13 6.81 -16.17
C ASP A 274 -1.31 5.32 -16.45
N GLU A 275 -0.41 4.72 -17.22
CA GLU A 275 -0.58 3.32 -17.62
C GLU A 275 -0.24 2.40 -16.43
N GLY A 276 0.59 2.88 -15.49
CA GLY A 276 0.82 2.14 -14.24
C GLY A 276 -0.45 2.07 -13.41
N ARG A 277 -1.07 3.24 -13.24
CA ARG A 277 -2.30 3.33 -12.48
C ARG A 277 -3.40 2.52 -13.17
N ALA A 278 -3.50 2.66 -14.49
CA ALA A 278 -4.45 1.88 -15.29
C ALA A 278 -4.32 0.39 -15.00
N TYR A 279 -3.08 -0.10 -14.91
CA TYR A 279 -2.81 -1.54 -14.63
C TYR A 279 -3.38 -1.94 -13.26
N ALA A 280 -3.15 -1.11 -12.25
CA ALA A 280 -3.70 -1.33 -10.90
C ALA A 280 -5.23 -1.32 -10.94
N ASP A 281 -5.80 -0.38 -11.70
CA ASP A 281 -7.26 -0.27 -11.88
C ASP A 281 -7.82 -1.58 -12.45
N ARG A 282 -7.18 -2.16 -13.47
CA ARG A 282 -7.64 -3.41 -14.09
C ARG A 282 -7.53 -4.55 -13.08
N LEU A 283 -6.43 -4.57 -12.30
CA LEU A 283 -6.25 -5.59 -11.28
C LEU A 283 -7.39 -5.47 -10.25
N ILE A 284 -7.66 -4.24 -9.77
CA ILE A 284 -8.66 -4.02 -8.72
C ILE A 284 -10.04 -4.48 -9.21
N GLU A 285 -10.38 -4.06 -10.43
CA GLU A 285 -11.69 -4.31 -11.01
C GLU A 285 -11.91 -5.81 -11.27
N ALA A 286 -10.82 -6.57 -11.48
CA ALA A 286 -10.91 -8.02 -11.64
C ALA A 286 -10.95 -8.75 -10.30
N GLY A 287 -10.97 -8.01 -9.19
CA GLY A 287 -11.10 -8.62 -7.86
C GLY A 287 -9.78 -9.20 -7.36
N ILE A 288 -8.66 -8.64 -7.82
CA ILE A 288 -7.34 -9.02 -7.32
C ILE A 288 -7.00 -8.10 -6.15
N LYS A 289 -6.45 -8.66 -5.06
CA LYS A 289 -5.89 -7.86 -3.99
C LYS A 289 -4.77 -7.00 -4.56
N THR A 290 -4.96 -5.68 -4.51
CA THR A 290 -4.08 -4.76 -5.17
C THR A 290 -3.83 -3.57 -4.25
N THR A 291 -2.56 -3.28 -4.01
CA THR A 291 -2.15 -2.07 -3.33
C THR A 291 -1.54 -1.11 -4.34
N TYR A 292 -2.13 0.08 -4.50
CA TYR A 292 -1.67 1.09 -5.43
C TYR A 292 -1.16 2.30 -4.64
N VAL A 293 -0.01 2.83 -5.03
CA VAL A 293 0.50 4.06 -4.41
C VAL A 293 1.12 4.96 -5.48
N ASN A 294 0.85 6.27 -5.33
CA ASN A 294 1.44 7.30 -6.14
C ASN A 294 2.35 8.14 -5.24
N TYR A 295 3.59 8.36 -5.69
CA TYR A 295 4.57 9.22 -5.03
C TYR A 295 4.61 10.54 -5.79
N PRO A 296 3.86 11.58 -5.35
CA PRO A 296 3.84 12.85 -6.06
C PRO A 296 5.20 13.56 -5.98
N GLY A 297 5.50 14.39 -6.97
CA GLY A 297 6.64 15.30 -6.91
C GLY A 297 7.99 14.61 -7.09
N THR A 298 8.01 13.35 -7.55
CA THR A 298 9.27 12.67 -7.88
C THR A 298 9.16 12.12 -9.30
N ILE A 299 10.27 11.54 -9.78
CA ILE A 299 10.44 11.22 -11.18
C ILE A 299 10.66 9.73 -11.35
N HIS A 300 10.46 9.27 -12.59
CA HIS A 300 10.81 7.95 -13.00
C HIS A 300 12.29 7.69 -12.65
N GLY A 301 12.55 6.52 -12.05
CA GLY A 301 13.90 6.11 -11.64
C GLY A 301 14.16 6.28 -10.16
N PHE A 302 13.28 7.00 -9.43
CA PHE A 302 13.59 7.43 -8.06
C PHE A 302 13.80 6.24 -7.11
N PHE A 303 13.23 5.07 -7.44
CA PHE A 303 13.25 3.86 -6.60
C PHE A 303 14.70 3.38 -6.41
N SER A 304 15.57 3.66 -7.39
CA SER A 304 16.94 3.23 -7.30
C SER A 304 17.92 4.41 -7.33
N LEU A 305 17.44 5.66 -7.46
CA LEU A 305 18.31 6.84 -7.40
C LEU A 305 18.39 7.36 -5.96
N THR A 306 18.63 6.44 -5.03
CA THR A 306 18.39 6.70 -3.62
C THR A 306 19.58 7.43 -2.98
N ARG A 307 20.65 7.70 -3.73
CA ARG A 307 21.72 8.62 -3.27
C ARG A 307 21.18 10.05 -3.23
N PHE A 308 20.35 10.39 -4.23
CA PHE A 308 19.88 11.74 -4.46
C PHE A 308 18.44 11.95 -3.95
N LEU A 309 17.60 10.91 -4.01
CA LEU A 309 16.17 11.05 -3.71
C LEU A 309 15.79 10.14 -2.52
N SER A 310 15.61 10.78 -1.38
CA SER A 310 15.13 10.15 -0.16
C SER A 310 13.78 9.45 -0.38
N GLN A 311 12.94 10.02 -1.25
CA GLN A 311 11.63 9.45 -1.52
C GLN A 311 11.82 8.00 -1.99
N GLY A 312 12.95 7.76 -2.68
CA GLY A 312 13.30 6.45 -3.17
C GLY A 312 13.46 5.44 -2.05
N LEU A 313 14.05 5.87 -0.92
CA LEU A 313 14.22 4.97 0.21
C LEU A 313 12.86 4.70 0.89
N LYS A 314 12.03 5.74 0.99
CA LYS A 314 10.68 5.60 1.51
C LYS A 314 9.90 4.58 0.64
N ALA A 315 10.03 4.69 -0.70
CA ALA A 315 9.36 3.80 -1.64
C ALA A 315 9.87 2.36 -1.52
N ASN A 316 11.20 2.21 -1.40
CA ASN A 316 11.84 0.92 -1.10
C ASN A 316 11.15 0.29 0.11
N ASP A 317 11.12 1.04 1.22
CA ASP A 317 10.61 0.55 2.49
C ASP A 317 9.12 0.20 2.37
N GLU A 318 8.33 1.01 1.65
CA GLU A 318 6.90 0.73 1.49
C GLU A 318 6.68 -0.56 0.67
N ALA A 319 7.38 -0.70 -0.45
CA ALA A 319 7.26 -1.90 -1.30
C ALA A 319 7.61 -3.15 -0.48
N ALA A 320 8.74 -3.09 0.21
CA ALA A 320 9.24 -4.17 1.07
C ALA A 320 8.20 -4.48 2.16
N ALA A 321 7.65 -3.43 2.79
CA ALA A 321 6.73 -3.57 3.90
C ALA A 321 5.46 -4.30 3.45
N VAL A 322 4.92 -3.90 2.30
CA VAL A 322 3.68 -4.47 1.81
C VAL A 322 3.92 -5.95 1.43
N MET A 323 5.04 -6.24 0.76
CA MET A 323 5.34 -7.60 0.37
C MET A 323 5.50 -8.48 1.62
N GLY A 324 6.29 -8.01 2.59
CA GLY A 324 6.54 -8.74 3.85
C GLY A 324 5.26 -9.02 4.63
N ALA A 325 4.39 -8.00 4.70
CA ALA A 325 3.08 -8.11 5.31
C ALA A 325 2.24 -9.17 4.58
N HIS A 326 2.32 -9.15 3.24
CA HIS A 326 1.56 -10.09 2.46
C HIS A 326 2.01 -11.52 2.79
N PHE A 327 3.32 -11.72 2.94
CA PHE A 327 3.90 -13.04 3.12
C PHE A 327 4.01 -13.44 4.60
N GLY A 328 3.59 -12.54 5.51
CA GLY A 328 3.52 -12.84 6.95
C GLY A 328 4.89 -12.83 7.63
N THR A 329 5.81 -11.95 7.21
CA THR A 329 7.17 -11.98 7.77
C THR A 329 7.27 -11.07 9.00
N MET B 15 -18.02 -11.40 -4.34
CA MET B 15 -18.16 -12.73 -3.67
C MET B 15 -17.17 -12.81 -2.49
N LEU B 16 -16.86 -14.03 -2.02
CA LEU B 16 -16.38 -14.21 -0.66
C LEU B 16 -15.28 -15.29 -0.62
N LEU B 17 -14.24 -15.03 0.19
CA LEU B 17 -13.20 -16.00 0.45
C LEU B 17 -13.76 -17.16 1.26
N PRO B 18 -13.14 -18.35 1.15
CA PRO B 18 -13.46 -19.48 2.03
C PRO B 18 -13.51 -19.13 3.52
N GLU B 19 -12.52 -18.39 4.04
CA GLU B 19 -12.49 -18.10 5.50
C GLU B 19 -13.68 -17.20 5.90
N THR B 20 -14.12 -16.34 4.98
CA THR B 20 -15.26 -15.50 5.20
C THR B 20 -16.53 -16.36 5.29
N ARG B 21 -16.62 -17.33 4.37
CA ARG B 21 -17.73 -18.27 4.37
C ARG B 21 -17.74 -19.09 5.66
N ASN B 22 -16.58 -19.57 6.12
CA ASN B 22 -16.52 -20.34 7.39
C ASN B 22 -17.11 -19.52 8.53
N LEU B 23 -16.80 -18.21 8.57
CA LEU B 23 -17.30 -17.33 9.63
C LEU B 23 -18.83 -17.19 9.55
N LEU B 24 -19.35 -16.94 8.33
CA LEU B 24 -20.78 -16.79 8.14
C LEU B 24 -21.49 -18.09 8.57
N ASP B 25 -20.87 -19.23 8.28
CA ASP B 25 -21.40 -20.53 8.68
C ASP B 25 -21.48 -20.60 10.22
N LEU B 26 -20.40 -20.23 10.91
CA LEU B 26 -20.40 -20.20 12.36
C LEU B 26 -21.50 -19.27 12.89
N MET B 27 -21.58 -18.06 12.31
CA MET B 27 -22.56 -17.05 12.72
C MET B 27 -23.99 -17.61 12.55
N ASP B 28 -24.21 -18.31 11.43
CA ASP B 28 -25.47 -18.97 11.13
C ASP B 28 -25.70 -20.13 12.13
N ALA B 29 -24.69 -20.99 12.28
CA ALA B 29 -24.76 -22.21 13.09
C ALA B 29 -25.21 -21.88 14.52
N ALA B 30 -24.67 -20.81 15.10
CA ALA B 30 -25.15 -20.30 16.36
C ALA B 30 -26.58 -19.77 16.16
N THR B 31 -27.50 -20.22 17.03
CA THR B 31 -28.88 -19.73 17.07
C THR B 31 -29.63 -20.20 15.82
N ARG B 32 -29.93 -21.50 15.76
CA ARG B 32 -30.89 -22.05 14.80
C ARG B 32 -32.28 -21.49 15.14
N GLY B 33 -32.50 -21.20 16.43
CA GLY B 33 -33.60 -20.35 16.92
C GLY B 33 -33.04 -19.09 17.58
N GLY B 34 -33.79 -18.54 18.56
CA GLY B 34 -33.31 -17.44 19.42
C GLY B 34 -33.70 -16.06 18.91
N ARG B 35 -33.39 -15.79 17.63
CA ARG B 35 -33.64 -14.50 16.96
C ARG B 35 -32.77 -13.41 17.56
N PRO B 36 -31.45 -13.64 17.77
CA PRO B 36 -30.63 -12.70 18.53
C PRO B 36 -30.02 -11.52 17.74
N GLY B 37 -30.16 -11.53 16.41
CA GLY B 37 -29.51 -10.55 15.53
C GLY B 37 -30.34 -9.30 15.31
N LEU B 38 -31.13 -8.91 16.32
CA LEU B 38 -31.82 -7.60 16.35
C LEU B 38 -30.92 -6.58 17.05
N ASP B 39 -31.32 -5.30 17.02
CA ASP B 39 -30.44 -4.19 17.41
C ASP B 39 -31.26 -2.92 17.70
N THR B 40 -32.26 -3.05 18.58
CA THR B 40 -33.18 -1.96 18.89
C THR B 40 -32.75 -1.24 20.19
N LEU B 41 -31.88 -1.87 20.99
CA LEU B 41 -31.46 -1.32 22.30
C LEU B 41 -29.93 -1.29 22.49
N PRO B 42 -29.06 -1.05 21.47
CA PRO B 42 -27.62 -0.85 21.69
C PRO B 42 -27.27 0.47 22.44
N HIS B 43 -27.71 0.48 23.69
CA HIS B 43 -27.36 1.38 24.77
C HIS B 43 -27.40 0.50 26.02
N ALA B 44 -26.45 0.67 26.96
CA ALA B 44 -26.39 -0.27 28.09
C ALA B 44 -26.22 -1.69 27.54
N VAL B 45 -27.19 -2.59 27.75
CA VAL B 45 -26.95 -4.02 27.52
C VAL B 45 -26.82 -4.34 26.02
N GLY B 46 -27.71 -3.81 25.17
CA GLY B 46 -27.49 -3.90 23.73
C GLY B 46 -26.01 -3.71 23.42
N ARG B 47 -25.48 -2.57 23.90
CA ARG B 47 -24.08 -2.18 23.70
C ARG B 47 -23.14 -3.21 24.36
N LYS B 48 -23.40 -3.56 25.63
CA LYS B 48 -22.49 -4.41 26.41
C LYS B 48 -22.25 -5.75 25.72
N ALA B 49 -23.33 -6.37 25.26
CA ALA B 49 -23.25 -7.71 24.72
C ALA B 49 -22.50 -7.71 23.39
N VAL B 50 -22.81 -6.73 22.53
CA VAL B 50 -22.19 -6.68 21.21
C VAL B 50 -20.72 -6.28 21.36
N ASP B 51 -20.43 -5.36 22.31
CA ASP B 51 -19.04 -4.99 22.65
C ASP B 51 -18.26 -6.24 23.10
N LYS B 52 -18.90 -7.08 23.93
CA LYS B 52 -18.26 -8.30 24.43
C LYS B 52 -17.95 -9.24 23.25
N MET B 53 -18.90 -9.35 22.31
CA MET B 53 -18.71 -10.20 21.12
C MET B 53 -17.55 -9.67 20.28
N SER B 54 -17.42 -8.35 20.15
CA SER B 54 -16.32 -7.74 19.39
C SER B 54 -14.98 -8.01 20.09
N GLU B 55 -14.94 -7.85 21.41
CA GLU B 55 -13.75 -8.19 22.22
C GLU B 55 -13.31 -9.63 21.88
N ASP B 56 -14.31 -10.53 21.87
CA ASP B 56 -14.09 -11.96 21.71
C ASP B 56 -13.72 -12.32 20.26
N GLY B 57 -14.13 -11.48 19.30
CA GLY B 57 -13.83 -11.69 17.87
C GLY B 57 -12.40 -11.32 17.46
N GLU B 58 -11.72 -10.56 18.31
CA GLU B 58 -10.31 -10.18 18.10
C GLU B 58 -9.42 -11.40 18.36
N ALA B 59 -8.28 -11.47 17.66
CA ALA B 59 -7.22 -12.42 18.01
C ALA B 59 -6.84 -12.16 19.48
N ASP B 60 -6.23 -13.18 20.12
CA ASP B 60 -5.63 -13.01 21.44
C ASP B 60 -4.62 -11.86 21.40
N PRO B 61 -4.54 -11.05 22.47
CA PRO B 61 -3.66 -9.89 22.49
C PRO B 61 -2.19 -10.27 22.49
N PRO B 62 -1.39 -9.78 21.52
CA PRO B 62 0.06 -9.93 21.60
C PRO B 62 0.61 -9.06 22.73
N GLU B 63 1.71 -9.51 23.34
CA GLU B 63 2.41 -8.71 24.33
C GLU B 63 2.98 -7.48 23.61
N VAL B 64 2.97 -6.36 24.32
CA VAL B 64 3.66 -5.14 23.90
C VAL B 64 4.61 -4.74 25.04
N ALA B 65 5.41 -3.70 24.85
CA ALA B 65 6.43 -3.29 25.83
C ALA B 65 5.75 -2.70 27.07
N GLU B 66 4.70 -1.92 26.85
CA GLU B 66 4.06 -1.19 27.93
C GLU B 66 2.65 -0.82 27.50
N VAL B 67 1.70 -0.87 28.45
CA VAL B 67 0.35 -0.41 28.25
C VAL B 67 0.02 0.57 29.36
N ALA B 68 -0.56 1.70 28.96
CA ALA B 68 -0.90 2.75 29.88
C ALA B 68 -2.35 3.20 29.66
N ASN B 69 -3.06 3.44 30.77
CA ASN B 69 -4.40 4.00 30.78
C ASN B 69 -4.37 5.39 31.43
N GLY B 70 -5.06 6.35 30.81
CA GLY B 70 -5.25 7.67 31.38
C GLY B 70 -6.48 8.34 30.81
N GLY B 71 -6.62 9.63 31.18
CA GLY B 71 -7.67 10.47 30.70
C GLY B 71 -7.22 11.92 30.71
N PHE B 72 -7.93 12.75 29.93
CA PHE B 72 -7.71 14.18 29.92
C PHE B 72 -9.04 14.87 29.60
N ALA B 73 -9.07 16.19 29.80
CA ALA B 73 -10.30 16.95 29.67
C ALA B 73 -10.61 17.08 28.18
N GLY B 74 -11.78 16.58 27.76
CA GLY B 74 -12.36 16.86 26.45
C GLY B 74 -13.23 18.11 26.50
N PRO B 75 -13.96 18.45 25.40
CA PRO B 75 -14.80 19.66 25.39
C PRO B 75 -16.00 19.58 26.35
N ALA B 76 -16.55 18.37 26.56
CA ALA B 76 -17.72 18.21 27.41
C ALA B 76 -17.59 17.00 28.35
N SER B 77 -16.41 16.37 28.42
CA SER B 77 -16.22 15.20 29.27
C SER B 77 -14.73 14.88 29.41
N GLU B 78 -14.43 13.88 30.25
CA GLU B 78 -13.14 13.23 30.25
C GLU B 78 -13.05 12.37 28.97
N ILE B 79 -11.94 12.49 28.25
CA ILE B 79 -11.64 11.55 27.17
C ILE B 79 -10.56 10.60 27.70
N ARG B 80 -10.82 9.29 27.63
CA ARG B 80 -9.87 8.27 28.09
C ARG B 80 -9.06 7.75 26.89
N PHE B 81 -7.88 7.21 27.21
CA PHE B 81 -6.99 6.70 26.23
C PHE B 81 -6.23 5.50 26.81
N ARG B 82 -5.76 4.67 25.88
CA ARG B 82 -4.82 3.63 26.17
C ARG B 82 -3.65 3.77 25.21
N ARG B 83 -2.44 3.87 25.77
CA ARG B 83 -1.20 3.95 25.04
C ARG B 83 -0.55 2.57 24.99
N TYR B 84 -0.10 2.17 23.80
CA TYR B 84 0.59 0.93 23.60
C TYR B 84 1.99 1.20 23.06
N ARG B 85 2.99 0.74 23.79
CA ARG B 85 4.38 0.95 23.40
C ARG B 85 4.87 -0.34 22.73
N PRO B 86 5.41 -0.27 21.50
CA PRO B 86 5.78 -1.50 20.78
C PRO B 86 6.97 -2.25 21.37
N LEU B 87 6.93 -3.57 21.31
CA LEU B 87 8.11 -4.38 21.63
C LEU B 87 9.32 -3.87 20.84
N GLY B 88 10.48 -3.79 21.51
CA GLY B 88 11.76 -3.60 20.85
C GLY B 88 12.16 -2.14 20.67
N GLU B 89 11.28 -1.19 20.99
CA GLU B 89 11.55 0.23 20.76
C GLU B 89 11.97 0.87 22.10
N ALA B 90 13.19 1.41 22.13
CA ALA B 90 13.79 1.98 23.35
C ALA B 90 13.58 3.49 23.41
N ALA B 91 13.48 4.17 22.25
CA ALA B 91 13.49 5.64 22.23
C ALA B 91 12.36 6.18 23.12
N GLY B 92 12.58 7.36 23.70
CA GLY B 92 11.61 8.00 24.57
C GLY B 92 10.39 8.50 23.79
N LEU B 93 10.66 9.19 22.67
CA LEU B 93 9.63 9.80 21.81
C LEU B 93 9.48 8.96 20.54
N LEU B 94 8.31 8.36 20.34
CA LEU B 94 8.09 7.45 19.24
C LEU B 94 7.12 8.07 18.24
N PRO B 95 7.23 7.72 16.95
CA PRO B 95 6.15 8.00 16.00
C PRO B 95 4.90 7.32 16.59
N THR B 96 3.76 7.99 16.49
CA THR B 96 2.57 7.63 17.25
C THR B 96 1.34 7.67 16.35
N LEU B 97 0.52 6.62 16.43
CA LEU B 97 -0.76 6.58 15.78
C LEU B 97 -1.85 6.77 16.83
N ILE B 98 -2.67 7.81 16.63
CA ILE B 98 -3.86 8.03 17.41
C ILE B 98 -5.01 7.29 16.70
N TYR B 99 -5.57 6.30 17.39
CA TYR B 99 -6.50 5.34 16.79
C TYR B 99 -7.91 5.53 17.36
N TYR B 100 -8.89 5.54 16.44
CA TYR B 100 -10.29 5.71 16.74
C TYR B 100 -11.06 4.44 16.35
N HIS B 101 -11.52 3.69 17.36
CA HIS B 101 -12.25 2.44 17.11
C HIS B 101 -13.50 2.71 16.26
N GLY B 102 -13.95 1.67 15.55
CA GLY B 102 -15.25 1.66 14.87
C GLY B 102 -16.39 1.24 15.77
N GLY B 103 -17.57 1.11 15.18
CA GLY B 103 -18.84 0.82 15.86
C GLY B 103 -19.93 1.88 15.63
N GLY B 104 -19.88 2.54 14.47
CA GLY B 104 -20.97 3.43 13.98
C GLY B 104 -21.20 4.65 14.84
N PHE B 105 -20.22 4.99 15.71
CA PHE B 105 -20.29 6.05 16.69
C PHE B 105 -21.30 5.70 17.80
N VAL B 106 -21.72 4.43 17.88
CA VAL B 106 -22.73 3.97 18.85
C VAL B 106 -22.17 2.87 19.76
N ILE B 107 -21.36 1.96 19.21
CA ILE B 107 -20.73 0.88 19.97
C ILE B 107 -19.21 0.93 19.76
N GLY B 108 -18.51 -0.09 20.29
CA GLY B 108 -17.06 -0.16 20.31
C GLY B 108 -16.48 0.67 21.44
N ASN B 109 -15.23 0.35 21.81
CA ASN B 109 -14.47 1.04 22.84
C ASN B 109 -13.00 0.61 22.75
N ILE B 110 -12.18 1.04 23.71
CA ILE B 110 -10.77 0.68 23.71
C ILE B 110 -10.62 -0.85 23.76
N GLU B 111 -11.50 -1.52 24.50
CA GLU B 111 -11.38 -2.98 24.72
C GLU B 111 -11.71 -3.75 23.43
N THR B 112 -12.64 -3.25 22.59
CA THR B 112 -13.08 -3.99 21.39
C THR B 112 -11.96 -4.02 20.32
N HIS B 113 -10.99 -3.12 20.41
CA HIS B 113 -9.95 -2.94 19.38
C HIS B 113 -8.55 -3.10 20.00
N ASP B 114 -8.51 -3.68 21.20
CA ASP B 114 -7.30 -3.73 22.01
C ASP B 114 -6.22 -4.64 21.37
N SER B 115 -6.61 -5.85 20.95
CA SER B 115 -5.65 -6.77 20.30
C SER B 115 -5.13 -6.16 18.99
N THR B 116 -6.02 -5.49 18.26
CA THR B 116 -5.68 -4.87 16.99
C THR B 116 -4.66 -3.75 17.21
N CYS B 117 -4.90 -2.90 18.21
CA CYS B 117 -3.97 -1.81 18.50
C CYS B 117 -2.61 -2.38 18.93
N ARG B 118 -2.61 -3.47 19.71
CA ARG B 118 -1.36 -4.08 20.12
C ARG B 118 -0.55 -4.53 18.89
N ARG B 119 -1.20 -5.22 17.96
CA ARG B 119 -0.51 -5.76 16.79
C ARG B 119 -0.03 -4.61 15.89
N LEU B 120 -0.86 -3.56 15.74
CA LEU B 120 -0.47 -2.39 14.94
C LEU B 120 0.82 -1.80 15.50
N ALA B 121 0.88 -1.64 16.83
CA ALA B 121 2.05 -1.06 17.48
C ALA B 121 3.28 -1.89 17.15
N ASN B 122 3.22 -3.20 17.46
CA ASN B 122 4.36 -4.11 17.29
C ASN B 122 4.84 -4.12 15.84
N LYS B 123 3.92 -4.15 14.87
CA LYS B 123 4.28 -4.32 13.45
C LYS B 123 4.81 -3.01 12.86
N SER B 124 4.25 -1.87 13.27
CA SER B 124 4.66 -0.56 12.76
C SER B 124 5.92 -0.04 13.46
N ARG B 125 6.18 -0.55 14.68
CA ARG B 125 7.20 0.00 15.60
C ARG B 125 6.85 1.44 16.01
N CYS B 126 5.55 1.74 16.00
CA CYS B 126 5.02 3.01 16.44
C CYS B 126 4.20 2.77 17.70
N GLN B 127 4.17 3.78 18.56
CA GLN B 127 3.20 3.84 19.65
C GLN B 127 1.80 3.95 19.06
N VAL B 128 0.83 3.28 19.68
CA VAL B 128 -0.59 3.50 19.35
C VAL B 128 -1.30 4.07 20.59
N ILE B 129 -2.09 5.12 20.39
CA ILE B 129 -2.93 5.69 21.43
C ILE B 129 -4.38 5.56 20.98
N SER B 130 -5.11 4.63 21.61
CA SER B 130 -6.51 4.35 21.32
C SER B 130 -7.38 5.29 22.15
N ILE B 131 -8.39 5.90 21.50
CA ILE B 131 -9.21 6.96 22.09
C ILE B 131 -10.61 6.42 22.35
N ASP B 132 -11.11 6.70 23.56
CA ASP B 132 -12.44 6.40 24.00
C ASP B 132 -13.27 7.68 23.96
N TYR B 133 -13.96 7.90 22.83
CA TYR B 133 -14.70 9.10 22.55
C TYR B 133 -16.17 8.86 22.92
N ARG B 134 -16.92 9.95 23.12
CA ARG B 134 -18.33 9.85 23.47
C ARG B 134 -19.11 9.17 22.34
N LEU B 135 -20.09 8.35 22.73
CA LEU B 135 -20.93 7.61 21.80
C LEU B 135 -22.36 8.15 21.84
N ALA B 136 -23.05 7.90 20.72
CA ALA B 136 -24.49 8.07 20.53
C ALA B 136 -25.20 6.78 20.97
N PRO B 137 -26.49 6.85 21.35
CA PRO B 137 -27.35 8.03 21.29
C PRO B 137 -27.20 9.02 22.45
N GLU B 138 -26.42 8.67 23.48
CA GLU B 138 -26.23 9.55 24.62
C GLU B 138 -25.61 10.87 24.17
N HIS B 139 -24.62 10.80 23.28
CA HIS B 139 -23.90 11.99 22.80
C HIS B 139 -23.91 12.00 21.28
N PRO B 140 -25.01 12.45 20.63
CA PRO B 140 -25.11 12.36 19.18
C PRO B 140 -24.21 13.36 18.44
N PHE B 141 -24.13 13.17 17.13
CA PHE B 141 -23.45 14.08 16.24
C PHE B 141 -23.72 15.53 16.65
N PRO B 142 -22.68 16.37 16.75
CA PRO B 142 -21.29 16.12 16.39
C PRO B 142 -20.31 15.72 17.52
N ALA B 143 -20.82 15.24 18.65
CA ALA B 143 -20.02 15.01 19.87
C ALA B 143 -18.89 14.02 19.62
N PRO B 144 -19.11 12.83 19.02
CA PRO B 144 -18.02 11.87 18.81
C PRO B 144 -16.86 12.46 17.99
N ILE B 145 -17.19 13.22 16.93
CA ILE B 145 -16.22 13.92 16.08
C ILE B 145 -15.48 14.98 16.90
N ASP B 146 -16.22 15.79 17.67
CA ASP B 146 -15.58 16.83 18.52
C ASP B 146 -14.54 16.18 19.45
N ASP B 147 -14.88 15.02 20.01
CA ASP B 147 -13.97 14.29 20.91
C ASP B 147 -12.73 13.81 20.14
N GLY B 148 -12.94 13.30 18.92
CA GLY B 148 -11.84 12.81 18.09
C GLY B 148 -10.86 13.93 17.74
N ILE B 149 -11.43 15.09 17.38
CA ILE B 149 -10.66 16.28 17.05
C ILE B 149 -9.91 16.75 18.31
N ALA B 150 -10.62 16.82 19.42
CA ALA B 150 -10.03 17.34 20.67
C ALA B 150 -8.88 16.43 21.10
N ALA B 151 -9.07 15.12 20.95
CA ALA B 151 -8.05 14.15 21.36
C ALA B 151 -6.77 14.37 20.56
N PHE B 152 -6.89 14.57 19.23
CA PHE B 152 -5.70 14.79 18.38
C PHE B 152 -4.99 16.09 18.79
N ARG B 153 -5.76 17.17 18.96
CA ARG B 153 -5.21 18.48 19.29
C ARG B 153 -4.47 18.40 20.64
N HIS B 154 -5.10 17.76 21.63
CA HIS B 154 -4.50 17.61 22.93
C HIS B 154 -3.16 16.86 22.83
N ILE B 155 -3.15 15.73 22.12
CA ILE B 155 -1.96 14.91 22.04
C ILE B 155 -0.88 15.65 21.25
N ARG B 156 -1.26 16.31 20.15
CA ARG B 156 -0.37 17.11 19.34
C ARG B 156 0.33 18.16 20.21
N ASP B 157 -0.45 18.86 21.05
CA ASP B 157 0.00 20.03 21.79
C ASP B 157 0.78 19.61 23.04
N ASN B 158 0.61 18.34 23.46
CA ASN B 158 1.29 17.79 24.64
C ASN B 158 2.02 16.49 24.28
N ALA B 159 2.61 16.46 23.09
CA ALA B 159 3.13 15.22 22.48
C ALA B 159 4.14 14.54 23.42
N GLU B 160 5.04 15.33 24.01
CA GLU B 160 6.12 14.79 24.81
C GLU B 160 5.56 14.08 26.06
N SER B 161 4.43 14.56 26.59
CA SER B 161 3.86 13.93 27.78
C SER B 161 3.23 12.56 27.44
N PHE B 162 2.93 12.32 26.16
CA PHE B 162 2.41 11.04 25.68
C PHE B 162 3.54 10.17 25.11
N GLY B 163 4.79 10.62 25.24
CA GLY B 163 5.97 9.92 24.67
C GLY B 163 5.93 9.87 23.13
N ALA B 164 5.32 10.89 22.52
CA ALA B 164 5.12 10.95 21.07
C ALA B 164 6.08 11.96 20.43
N ASP B 165 6.62 11.59 19.27
CA ASP B 165 7.31 12.47 18.37
C ASP B 165 6.26 13.31 17.61
N ALA B 166 6.23 14.61 17.88
CA ALA B 166 5.24 15.55 17.32
C ALA B 166 5.39 15.70 15.80
N ALA B 167 6.57 15.36 15.26
CA ALA B 167 6.78 15.38 13.81
C ALA B 167 6.22 14.11 13.15
N ARG B 168 5.87 13.08 13.92
CA ARG B 168 5.36 11.84 13.31
C ARG B 168 4.13 11.34 14.09
N LEU B 169 3.05 12.11 13.95
CA LEU B 169 1.81 11.88 14.63
C LEU B 169 0.79 11.50 13.56
N ALA B 170 0.30 10.24 13.59
CA ALA B 170 -0.71 9.79 12.65
C ALA B 170 -2.07 9.72 13.34
N VAL B 171 -3.13 9.76 12.54
CA VAL B 171 -4.48 9.43 12.95
C VAL B 171 -4.94 8.25 12.10
N GLY B 172 -5.81 7.43 12.68
CA GLY B 172 -6.39 6.34 11.96
C GLY B 172 -7.56 5.73 12.70
N GLY B 173 -8.30 4.89 12.00
CA GLY B 173 -9.44 4.23 12.56
C GLY B 173 -10.12 3.34 11.55
N ASP B 174 -11.04 2.50 12.02
CA ASP B 174 -11.81 1.58 11.18
C ASP B 174 -13.28 2.02 11.16
N SER B 175 -13.94 1.92 9.98
CA SER B 175 -15.35 2.25 9.82
C SER B 175 -15.57 3.68 10.31
N ALA B 176 -16.48 3.86 11.29
CA ALA B 176 -16.77 5.20 11.86
C ALA B 176 -15.46 5.86 12.32
N GLY B 177 -14.53 5.02 12.82
CA GLY B 177 -13.24 5.47 13.26
C GLY B 177 -12.39 6.01 12.13
N GLY B 178 -12.54 5.40 10.93
CA GLY B 178 -11.90 5.86 9.72
C GLY B 178 -12.43 7.22 9.26
N ALA B 179 -13.76 7.37 9.30
CA ALA B 179 -14.41 8.66 9.08
C ALA B 179 -13.82 9.70 10.05
N MET B 180 -13.69 9.31 11.32
CA MET B 180 -13.26 10.24 12.33
C MET B 180 -11.86 10.74 11.97
N ALA B 181 -10.99 9.81 11.55
CA ALA B 181 -9.59 10.15 11.20
C ALA B 181 -9.57 11.10 10.00
N ALA B 182 -10.37 10.76 8.98
CA ALA B 182 -10.48 11.60 7.78
C ALA B 182 -10.88 13.03 8.15
N VAL B 183 -11.93 13.12 8.98
CA VAL B 183 -12.50 14.40 9.40
C VAL B 183 -11.48 15.18 10.25
N VAL B 184 -10.78 14.52 11.17
CA VAL B 184 -9.76 15.21 11.98
C VAL B 184 -8.77 15.93 11.06
N CYS B 185 -8.33 15.27 9.99
CA CYS B 185 -7.34 15.86 9.08
C CYS B 185 -7.91 17.12 8.42
N GLN B 186 -9.16 17.02 7.96
CA GLN B 186 -9.85 18.13 7.28
C GLN B 186 -10.09 19.30 8.27
N ALA B 187 -10.48 18.98 9.50
CA ALA B 187 -10.76 19.99 10.54
C ALA B 187 -9.50 20.80 10.85
N CYS B 188 -8.37 20.10 11.02
CA CYS B 188 -7.11 20.75 11.28
C CYS B 188 -6.76 21.65 10.10
N ARG B 189 -6.92 21.13 8.87
CA ARG B 189 -6.63 21.89 7.69
C ARG B 189 -7.59 23.10 7.62
N ASP B 190 -8.88 22.92 7.84
CA ASP B 190 -9.81 24.02 7.68
C ASP B 190 -9.56 25.09 8.76
N ALA B 191 -9.06 24.68 9.93
CA ALA B 191 -8.84 25.57 11.09
C ALA B 191 -7.51 26.33 10.98
N GLY B 192 -6.65 25.93 10.05
CA GLY B 192 -5.40 26.66 9.87
C GLY B 192 -4.28 26.12 10.74
N GLU B 193 -4.45 24.93 11.35
CA GLU B 193 -3.44 24.42 12.29
C GLU B 193 -2.72 23.19 11.73
N THR B 194 -1.58 22.87 12.36
CA THR B 194 -0.82 21.66 12.09
C THR B 194 -1.73 20.44 12.31
N GLY B 195 -1.88 19.64 11.25
CA GLY B 195 -2.63 18.40 11.28
C GLY B 195 -1.73 17.18 11.42
N PRO B 196 -2.34 15.97 11.41
CA PRO B 196 -1.60 14.71 11.39
C PRO B 196 -0.56 14.64 10.26
N ALA B 197 0.50 13.87 10.50
CA ALA B 197 1.50 13.64 9.49
C ALA B 197 1.05 12.53 8.54
N PHE B 198 0.04 11.74 8.95
CA PHE B 198 -0.37 10.54 8.21
C PHE B 198 -1.80 10.17 8.60
N GLN B 199 -2.56 9.61 7.65
CA GLN B 199 -3.93 9.15 7.95
C GLN B 199 -4.09 7.69 7.48
N MET B 200 -4.54 6.85 8.42
CA MET B 200 -4.75 5.43 8.19
C MET B 200 -6.27 5.18 8.22
N LEU B 201 -6.87 5.06 7.03
CA LEU B 201 -8.31 4.97 6.89
C LEU B 201 -8.69 3.54 6.50
N ILE B 202 -9.25 2.82 7.48
CA ILE B 202 -9.63 1.40 7.36
C ILE B 202 -11.14 1.35 7.13
N TYR B 203 -11.51 0.92 5.93
CA TYR B 203 -12.87 0.92 5.37
C TYR B 203 -13.68 2.08 5.97
N PRO B 204 -13.29 3.34 5.70
CA PRO B 204 -14.02 4.46 6.27
C PRO B 204 -15.39 4.67 5.60
N ALA B 205 -16.33 5.21 6.40
CA ALA B 205 -17.51 5.87 5.88
C ALA B 205 -17.05 7.27 5.46
N THR B 206 -17.40 7.70 4.24
CA THR B 206 -16.93 9.00 3.76
C THR B 206 -18.03 9.83 3.12
N ASP B 207 -19.21 9.24 2.84
CA ASP B 207 -20.29 9.98 2.19
C ASP B 207 -21.65 9.52 2.77
N SER B 208 -22.29 10.39 3.55
CA SER B 208 -23.64 10.15 4.07
C SER B 208 -24.71 10.79 3.16
N SER B 209 -24.30 11.55 2.16
CA SER B 209 -25.21 12.35 1.33
C SER B 209 -25.74 11.55 0.14
N ARG B 210 -25.03 10.48 -0.26
CA ARG B 210 -25.38 9.70 -1.44
C ARG B 210 -25.15 8.22 -1.15
N GLU B 211 -25.81 7.38 -1.94
CA GLU B 211 -25.60 5.94 -1.94
C GLU B 211 -24.80 5.57 -3.20
N SER B 212 -23.54 5.18 -3.00
CA SER B 212 -22.68 4.64 -4.05
C SER B 212 -23.31 3.39 -4.63
N ALA B 213 -22.72 2.89 -5.72
CA ALA B 213 -23.15 1.62 -6.29
C ALA B 213 -23.03 0.47 -5.26
N SER B 214 -21.94 0.44 -4.48
CA SER B 214 -21.77 -0.66 -3.48
C SER B 214 -22.80 -0.55 -2.34
N ARG B 215 -23.17 0.68 -1.94
CA ARG B 215 -24.21 0.87 -0.94
C ARG B 215 -25.57 0.36 -1.47
N VAL B 216 -25.88 0.75 -2.71
CA VAL B 216 -27.14 0.42 -3.33
C VAL B 216 -27.25 -1.10 -3.50
N ALA B 217 -26.12 -1.74 -3.82
CA ALA B 217 -26.10 -3.19 -3.99
C ALA B 217 -26.63 -3.91 -2.74
N PHE B 218 -26.52 -3.27 -1.57
CA PHE B 218 -26.94 -3.87 -0.29
C PHE B 218 -28.22 -3.19 0.23
N ALA B 219 -29.13 -2.90 -0.71
CA ALA B 219 -30.41 -2.22 -0.45
C ALA B 219 -31.23 -2.93 0.63
N GLU B 220 -31.18 -4.26 0.63
CA GLU B 220 -31.95 -5.07 1.59
C GLU B 220 -31.35 -4.94 3.00
N GLY B 221 -30.06 -4.60 3.09
CA GLY B 221 -29.32 -4.56 4.35
C GLY B 221 -27.97 -5.23 4.23
N TYR B 222 -27.27 -5.34 5.37
CA TYR B 222 -25.93 -5.90 5.43
C TYR B 222 -25.73 -6.49 6.83
N PHE B 223 -26.01 -7.79 6.96
CA PHE B 223 -26.13 -8.49 8.27
C PHE B 223 -27.37 -7.98 9.02
N LEU B 224 -27.43 -6.67 9.29
CA LEU B 224 -28.64 -6.04 9.77
C LEU B 224 -29.49 -5.64 8.57
N SER B 225 -30.82 -5.80 8.71
CA SER B 225 -31.78 -5.26 7.75
C SER B 225 -31.57 -3.75 7.66
N LYS B 226 -32.00 -3.15 6.54
CA LYS B 226 -31.82 -1.73 6.33
C LYS B 226 -32.51 -0.97 7.48
N ALA B 227 -33.71 -1.42 7.85
CA ALA B 227 -34.48 -0.79 8.94
C ALA B 227 -33.65 -0.73 10.22
N HIS B 228 -32.95 -1.82 10.55
CA HIS B 228 -32.11 -1.90 11.74
C HIS B 228 -30.89 -0.97 11.63
N MET B 229 -30.30 -0.91 10.43
CA MET B 229 -29.20 -0.01 10.17
C MET B 229 -29.67 1.44 10.36
N ASP B 230 -30.89 1.74 9.92
CA ASP B 230 -31.49 3.08 10.10
C ASP B 230 -31.48 3.49 11.58
N TRP B 231 -31.73 2.54 12.48
CA TRP B 231 -31.75 2.84 13.92
C TRP B 231 -30.40 3.41 14.36
N PHE B 232 -29.30 2.76 13.93
CA PHE B 232 -27.95 3.20 14.26
C PHE B 232 -27.72 4.61 13.72
N TRP B 233 -28.14 4.84 12.48
CA TRP B 233 -28.05 6.14 11.85
C TRP B 233 -28.74 7.21 12.72
N GLU B 234 -29.96 6.88 13.17
CA GLU B 234 -30.80 7.83 13.89
C GLU B 234 -30.29 8.02 15.33
N ALA B 235 -29.64 7.00 15.90
CA ALA B 235 -28.99 7.16 17.20
C ALA B 235 -27.93 8.27 17.10
N TYR B 236 -27.20 8.28 15.98
CA TYR B 236 -26.06 9.16 15.80
C TYR B 236 -26.49 10.55 15.32
N VAL B 237 -27.41 10.60 14.34
CA VAL B 237 -27.63 11.81 13.55
C VAL B 237 -29.00 12.39 13.87
N PRO B 238 -29.07 13.61 14.46
CA PRO B 238 -30.36 14.22 14.80
C PRO B 238 -31.13 14.56 13.50
N GLU B 239 -32.45 14.43 13.58
CA GLU B 239 -33.37 14.79 12.51
C GLU B 239 -32.97 16.16 11.95
N ASP B 240 -33.01 16.28 10.62
CA ASP B 240 -32.77 17.51 9.86
C ASP B 240 -31.30 17.97 9.92
N THR B 241 -30.36 17.07 10.18
CA THR B 241 -28.95 17.40 9.98
C THR B 241 -28.69 17.43 8.47
N ASP B 242 -27.91 18.43 8.02
CA ASP B 242 -27.47 18.49 6.64
C ASP B 242 -26.47 17.34 6.37
N LEU B 243 -26.82 16.45 5.43
CA LEU B 243 -26.04 15.23 5.13
C LEU B 243 -24.76 15.58 4.36
N THR B 244 -24.67 16.81 3.84
CA THR B 244 -23.51 17.30 3.12
C THR B 244 -22.52 17.94 4.09
N ASP B 245 -22.89 18.05 5.37
CA ASP B 245 -21.94 18.43 6.46
C ASP B 245 -20.68 17.57 6.30
N LEU B 246 -19.50 18.20 6.24
CA LEU B 246 -18.26 17.52 5.90
C LEU B 246 -17.77 16.61 7.04
N ARG B 247 -18.37 16.76 8.22
CA ARG B 247 -18.08 15.89 9.35
C ARG B 247 -18.83 14.55 9.19
N LEU B 248 -19.92 14.56 8.41
CA LEU B 248 -20.69 13.35 8.04
C LEU B 248 -20.23 12.79 6.68
N SER B 249 -19.77 13.70 5.80
CA SER B 249 -19.51 13.38 4.41
C SER B 249 -18.20 14.03 3.95
N PRO B 250 -17.04 13.64 4.55
CA PRO B 250 -15.76 14.22 4.19
C PRO B 250 -15.41 14.09 2.70
N LEU B 251 -15.96 13.07 2.02
CA LEU B 251 -15.74 12.89 0.57
C LEU B 251 -16.13 14.16 -0.20
N LEU B 252 -17.09 14.93 0.32
CA LEU B 252 -17.65 16.08 -0.41
C LEU B 252 -16.77 17.32 -0.31
N ALA B 253 -15.61 17.24 0.36
CA ALA B 253 -14.73 18.40 0.47
C ALA B 253 -14.45 18.92 -0.94
N THR B 254 -14.47 20.26 -1.12
CA THR B 254 -14.24 20.85 -2.44
C THR B 254 -12.76 20.76 -2.82
N ASP B 255 -11.88 20.65 -1.82
CA ASP B 255 -10.45 20.67 -2.02
C ASP B 255 -9.78 19.65 -1.08
N PHE B 256 -8.90 18.82 -1.64
CA PHE B 256 -8.21 17.77 -0.90
C PHE B 256 -6.72 18.11 -0.74
N THR B 257 -6.28 19.27 -1.23
CA THR B 257 -4.87 19.67 -1.13
C THR B 257 -4.55 19.96 0.34
N GLY B 258 -3.30 19.74 0.73
CA GLY B 258 -2.85 20.03 2.10
C GLY B 258 -3.34 19.01 3.12
N LEU B 259 -3.96 17.90 2.69
CA LEU B 259 -4.27 16.82 3.61
C LEU B 259 -3.06 15.90 3.67
N PRO B 260 -2.88 15.14 4.77
CA PRO B 260 -1.67 14.36 4.92
C PRO B 260 -1.63 13.07 4.11
N PRO B 261 -0.42 12.51 3.87
CA PRO B 261 -0.26 11.20 3.28
C PRO B 261 -1.20 10.16 3.90
N ALA B 262 -1.71 9.25 3.06
CA ALA B 262 -2.80 8.37 3.45
C ALA B 262 -2.52 6.91 3.08
N PHE B 263 -3.05 6.02 3.92
CA PHE B 263 -3.29 4.66 3.60
C PHE B 263 -4.80 4.42 3.70
N VAL B 264 -5.42 3.99 2.60
CA VAL B 264 -6.83 3.73 2.54
C VAL B 264 -7.06 2.27 2.13
N LEU B 265 -7.84 1.56 2.97
CA LEU B 265 -8.17 0.17 2.75
C LEU B 265 -9.69 0.01 2.64
N THR B 266 -10.11 -0.82 1.67
CA THR B 266 -11.50 -1.25 1.55
C THR B 266 -11.60 -2.78 1.62
N ALA B 267 -12.75 -3.24 2.14
CA ALA B 267 -13.21 -4.62 2.05
C ALA B 267 -14.02 -4.77 0.77
N GLY B 268 -13.82 -5.88 0.05
CA GLY B 268 -14.47 -6.11 -1.26
C GLY B 268 -15.98 -6.28 -1.19
N TYR B 269 -16.46 -6.89 -0.11
CA TYR B 269 -17.85 -7.25 0.07
C TYR B 269 -18.43 -6.42 1.22
N ASP B 270 -18.70 -5.16 0.91
CA ASP B 270 -18.84 -4.11 1.89
C ASP B 270 -19.51 -2.93 1.18
N PRO B 271 -20.68 -2.47 1.68
CA PRO B 271 -21.36 -1.31 1.11
C PRO B 271 -20.48 -0.05 1.07
N LEU B 272 -19.52 0.07 1.99
CA LEU B 272 -18.70 1.28 2.08
C LEU B 272 -17.49 1.22 1.15
N ARG B 273 -17.34 0.15 0.39
CA ARG B 273 -16.15 -0.04 -0.43
C ARG B 273 -15.96 1.14 -1.39
N ASP B 274 -17.01 1.47 -2.14
CA ASP B 274 -16.88 2.38 -3.29
C ASP B 274 -16.47 3.78 -2.80
N GLU B 275 -17.07 4.27 -1.70
CA GLU B 275 -16.79 5.62 -1.19
C GLU B 275 -15.42 5.67 -0.51
N GLY B 276 -14.93 4.53 -0.02
CA GLY B 276 -13.56 4.45 0.47
C GLY B 276 -12.55 4.64 -0.66
N ARG B 277 -12.76 3.93 -1.77
CA ARG B 277 -11.87 4.08 -2.92
C ARG B 277 -11.96 5.50 -3.50
N ALA B 278 -13.18 6.04 -3.58
CA ALA B 278 -13.42 7.42 -4.04
C ALA B 278 -12.56 8.41 -3.24
N TYR B 279 -12.50 8.21 -1.92
CA TYR B 279 -11.74 9.10 -1.06
C TYR B 279 -10.24 9.05 -1.43
N ALA B 280 -9.71 7.84 -1.60
CA ALA B 280 -8.33 7.66 -2.05
C ALA B 280 -8.12 8.33 -3.42
N ASP B 281 -9.08 8.13 -4.34
CA ASP B 281 -8.99 8.76 -5.66
C ASP B 281 -8.92 10.29 -5.52
N ARG B 282 -9.69 10.90 -4.61
CA ARG B 282 -9.65 12.36 -4.45
C ARG B 282 -8.28 12.80 -3.91
N LEU B 283 -7.70 11.99 -3.00
CA LEU B 283 -6.39 12.29 -2.44
C LEU B 283 -5.32 12.20 -3.54
N ILE B 284 -5.37 11.13 -4.32
CA ILE B 284 -4.40 10.88 -5.39
C ILE B 284 -4.42 12.06 -6.35
N GLU B 285 -5.63 12.46 -6.75
CA GLU B 285 -5.81 13.47 -7.77
C GLU B 285 -5.42 14.86 -7.26
N ALA B 286 -5.43 15.09 -5.93
CA ALA B 286 -4.97 16.35 -5.36
C ALA B 286 -3.45 16.35 -5.17
N GLY B 287 -2.77 15.26 -5.55
CA GLY B 287 -1.31 15.15 -5.44
C GLY B 287 -0.84 14.82 -4.04
N ILE B 288 -1.68 14.13 -3.26
CA ILE B 288 -1.30 13.62 -1.94
C ILE B 288 -0.71 12.22 -2.12
N LYS B 289 0.39 11.93 -1.41
CA LYS B 289 0.94 10.58 -1.35
C LYS B 289 -0.11 9.66 -0.72
N THR B 290 -0.64 8.74 -1.52
CA THR B 290 -1.77 7.93 -1.13
C THR B 290 -1.52 6.47 -1.53
N THR B 291 -1.71 5.57 -0.56
CA THR B 291 -1.72 4.14 -0.77
C THR B 291 -3.16 3.64 -0.62
N TYR B 292 -3.67 2.97 -1.66
CA TYR B 292 -4.99 2.38 -1.66
C TYR B 292 -4.86 0.86 -1.81
N VAL B 293 -5.63 0.10 -1.03
CA VAL B 293 -5.69 -1.35 -1.19
C VAL B 293 -7.12 -1.84 -1.02
N ASN B 294 -7.53 -2.74 -1.92
CA ASN B 294 -8.77 -3.47 -1.75
C ASN B 294 -8.44 -4.92 -1.39
N TYR B 295 -9.08 -5.40 -0.31
CA TYR B 295 -9.06 -6.80 0.15
C TYR B 295 -10.31 -7.51 -0.32
N PRO B 296 -10.30 -8.14 -1.52
CA PRO B 296 -11.49 -8.80 -2.06
C PRO B 296 -11.98 -9.97 -1.19
N GLY B 297 -13.29 -10.22 -1.23
CA GLY B 297 -13.85 -11.45 -0.65
C GLY B 297 -13.97 -11.44 0.87
N THR B 298 -13.73 -10.28 1.51
CA THR B 298 -13.92 -10.17 2.97
C THR B 298 -14.93 -9.06 3.24
N ILE B 299 -15.29 -8.94 4.52
CA ILE B 299 -16.43 -8.17 4.97
C ILE B 299 -15.96 -6.96 5.78
N HIS B 300 -16.83 -5.95 5.85
CA HIS B 300 -16.68 -4.86 6.77
C HIS B 300 -16.48 -5.43 8.18
N GLY B 301 -15.48 -4.90 8.90
CA GLY B 301 -15.16 -5.34 10.25
C GLY B 301 -14.03 -6.38 10.32
N PHE B 302 -13.55 -6.87 9.18
CA PHE B 302 -12.55 -7.97 9.16
C PHE B 302 -11.24 -7.57 9.87
N PHE B 303 -10.90 -6.28 9.86
CA PHE B 303 -9.65 -5.75 10.40
C PHE B 303 -9.53 -6.05 11.90
N SER B 304 -10.68 -6.16 12.58
CA SER B 304 -10.68 -6.45 14.02
C SER B 304 -11.34 -7.81 14.35
N LEU B 305 -11.82 -8.55 13.35
CA LEU B 305 -12.42 -9.88 13.56
C LEU B 305 -11.35 -10.97 13.40
N THR B 306 -10.20 -10.78 14.04
CA THR B 306 -8.98 -11.49 13.70
C THR B 306 -8.85 -12.81 14.47
N ARG B 307 -9.83 -13.16 15.32
CA ARG B 307 -9.94 -14.52 15.83
C ARG B 307 -10.38 -15.46 14.70
N PHE B 308 -11.19 -14.94 13.76
CA PHE B 308 -11.84 -15.76 12.73
C PHE B 308 -11.25 -15.51 11.33
N LEU B 309 -10.73 -14.31 11.06
CA LEU B 309 -10.32 -13.94 9.70
C LEU B 309 -8.83 -13.56 9.69
N SER B 310 -8.02 -14.47 9.11
CA SER B 310 -6.61 -14.24 8.82
C SER B 310 -6.38 -13.00 7.97
N GLN B 311 -7.28 -12.73 7.02
CA GLN B 311 -7.18 -11.51 6.16
C GLN B 311 -7.05 -10.24 7.03
N GLY B 312 -7.69 -10.25 8.20
CA GLY B 312 -7.63 -9.17 9.17
C GLY B 312 -6.22 -8.96 9.71
N LEU B 313 -5.54 -10.07 10.00
CA LEU B 313 -4.16 -10.04 10.48
C LEU B 313 -3.26 -9.47 9.37
N LYS B 314 -3.48 -9.90 8.13
CA LYS B 314 -2.74 -9.42 6.98
C LYS B 314 -2.97 -7.93 6.76
N ALA B 315 -4.22 -7.49 6.94
CA ALA B 315 -4.59 -6.11 6.78
C ALA B 315 -3.96 -5.25 7.91
N ASN B 316 -4.00 -5.78 9.14
CA ASN B 316 -3.33 -5.14 10.26
C ASN B 316 -1.86 -4.89 9.89
N ASP B 317 -1.20 -5.95 9.38
CA ASP B 317 0.20 -5.94 9.09
C ASP B 317 0.50 -4.98 7.94
N GLU B 318 -0.35 -4.95 6.91
CA GLU B 318 -0.12 -4.05 5.79
C GLU B 318 -0.25 -2.60 6.25
N ALA B 319 -1.30 -2.30 7.02
CA ALA B 319 -1.53 -0.94 7.49
C ALA B 319 -0.35 -0.48 8.35
N ALA B 320 0.04 -1.32 9.32
CA ALA B 320 1.16 -1.04 10.21
C ALA B 320 2.46 -0.86 9.44
N ALA B 321 2.70 -1.71 8.44
CA ALA B 321 3.97 -1.69 7.70
C ALA B 321 4.08 -0.43 6.83
N VAL B 322 2.97 -0.05 6.18
CA VAL B 322 2.97 1.15 5.35
C VAL B 322 3.22 2.39 6.22
N MET B 323 2.54 2.46 7.37
CA MET B 323 2.73 3.57 8.30
C MET B 323 4.17 3.64 8.80
N GLY B 324 4.70 2.50 9.24
CA GLY B 324 6.06 2.36 9.69
C GLY B 324 7.06 2.78 8.61
N ALA B 325 6.84 2.32 7.37
CA ALA B 325 7.70 2.69 6.26
C ALA B 325 7.64 4.21 6.04
N HIS B 326 6.45 4.80 6.21
CA HIS B 326 6.31 6.24 6.04
C HIS B 326 7.13 7.00 7.09
N PHE B 327 7.13 6.50 8.32
CA PHE B 327 7.74 7.18 9.47
C PHE B 327 9.22 6.79 9.67
N GLY B 328 9.73 5.91 8.81
CA GLY B 328 11.12 5.51 8.83
C GLY B 328 11.48 4.65 10.03
N THR B 329 10.56 3.81 10.50
CA THR B 329 10.80 2.96 11.66
C THR B 329 11.52 1.69 11.23
C1 PEG C . -2.47 9.45 -12.40
O1 PEG C . -3.81 9.26 -12.82
C2 PEG C . -2.40 9.49 -10.88
O2 PEG C . -1.60 10.59 -10.45
C3 PEG C . -2.32 11.79 -10.19
C4 PEG C . -1.35 12.75 -9.54
O4 PEG C . -1.74 14.12 -9.73
C1 PEG D . 21.72 9.03 -13.76
O1 PEG D . 21.65 7.64 -14.09
C2 PEG D . 22.23 9.20 -12.32
O2 PEG D . 23.07 10.37 -12.19
C3 PEG D . 22.36 11.60 -12.42
C4 PEG D . 23.13 12.78 -11.84
O4 PEG D . 24.06 13.36 -12.78
C1 PEG E . 20.05 9.67 2.56
O1 PEG E . 18.67 9.52 2.92
C2 PEG E . 20.20 9.58 1.04
O2 PEG E . 19.20 10.39 0.40
C3 PEG E . 19.33 11.77 0.71
C4 PEG E . 18.78 12.62 -0.41
O4 PEG E . 18.46 13.94 0.07
C1 PEG F . 24.33 -13.01 -18.60
O1 PEG F . 23.43 -13.14 -17.47
C2 PEG F . 23.60 -12.41 -19.80
O2 PEG F . 23.09 -11.13 -19.43
C3 PEG F . 23.98 -10.05 -19.74
C4 PEG F . 23.41 -8.73 -19.23
O4 PEG F . 24.19 -8.14 -18.16
C1 PEG G . 30.37 -9.76 -1.42
O1 PEG G . 29.92 -8.44 -1.15
C2 PEG G . 29.62 -10.31 -2.63
O2 PEG G . 29.78 -11.72 -2.65
C3 PEG G . 29.33 -12.30 -3.86
C4 PEG G . 29.67 -13.79 -3.85
O4 PEG G . 31.00 -14.04 -4.32
C1 GOL H . 26.42 -8.44 2.77
O1 GOL H . 26.56 -7.16 3.34
C2 GOL H . 27.72 -9.17 2.94
O2 GOL H . 27.28 -10.51 3.21
C3 GOL H . 28.56 -9.02 1.67
O3 GOL H . 28.50 -7.67 1.17
C1 GOL I . 19.27 -21.05 1.72
O1 GOL I . 18.94 -20.96 3.11
C2 GOL I . 20.78 -21.07 1.60
O2 GOL I . 21.07 -21.65 0.31
C3 GOL I . 21.44 -19.69 1.71
O3 GOL I . 20.59 -18.59 2.07
C1 GOL J . 16.94 -16.45 -28.42
O1 GOL J . 17.35 -15.13 -28.05
C2 GOL J . 15.42 -16.51 -28.52
O2 GOL J . 14.97 -15.85 -29.71
C3 GOL J . 14.78 -15.82 -27.33
O3 GOL J . 14.93 -16.56 -26.12
C1 GOL K . 8.02 -18.31 7.66
O1 GOL K . 7.30 -17.11 7.97
C2 GOL K . 9.51 -18.08 7.83
O2 GOL K . 10.22 -18.74 6.78
C3 GOL K . 9.87 -16.58 7.85
O3 GOL K . 9.18 -15.80 6.87
C1 GOL L . 15.76 2.39 -14.13
O1 GOL L . 17.17 2.15 -14.23
C2 GOL L . 15.33 3.48 -15.10
O2 GOL L . 15.73 4.75 -14.56
C3 GOL L . 16.00 3.25 -16.45
O3 GOL L . 15.40 4.00 -17.51
C1 GOL M . 26.87 11.50 -10.51
O1 GOL M . 26.07 11.51 -11.69
C2 GOL M . 27.18 10.08 -10.05
O2 GOL M . 28.04 9.44 -11.01
C3 GOL M . 25.90 9.28 -9.89
O3 GOL M . 25.05 9.38 -11.05
MG MG N . 26.75 -0.56 -5.49
C1 PEG O . -19.55 -7.68 11.68
O1 PEG O . -19.50 -9.10 11.53
C2 PEG O . -20.18 -7.05 10.45
O2 PEG O . -20.59 -5.71 10.71
C3 PEG O . -21.29 -5.12 9.60
C4 PEG O . -22.12 -3.93 10.04
O4 PEG O . -22.10 -2.86 9.06
C1 PEG P . -13.40 -4.71 -6.86
O1 PEG P . -14.35 -5.66 -7.35
C2 PEG P . -13.73 -3.31 -7.37
O2 PEG P . -13.79 -2.49 -6.20
C3 PEG P . -13.22 -1.19 -6.28
C4 PEG P . -14.30 -0.14 -6.00
O4 PEG P . -14.76 0.51 -7.18
C1 PEG Q . -1.50 -14.54 8.42
O1 PEG Q . -1.91 -15.23 9.60
C2 PEG Q . -0.27 -13.66 8.69
O2 PEG Q . 0.23 -13.86 10.02
C3 PEG Q . 1.46 -13.17 10.25
C4 PEG Q . 2.02 -13.54 11.63
O4 PEG Q . 3.13 -12.70 11.98
C1 PEG R . -16.91 6.95 26.85
O1 PEG R . -16.91 8.38 26.97
C2 PEG R . -17.81 6.49 25.72
O2 PEG R . -19.16 6.36 26.18
C3 PEG R . -19.97 7.55 26.13
C4 PEG R . -21.34 7.16 25.59
O4 PEG R . -22.20 6.66 26.61
C1 PEG S . -22.81 21.52 15.17
O1 PEG S . -21.59 22.23 15.45
C2 PEG S . -23.50 22.10 13.94
O2 PEG S . -24.22 21.10 13.20
C3 PEG S . -25.23 20.39 13.94
C4 PEG S . -26.34 19.97 12.99
O4 PEG S . -26.91 18.69 13.33
C1 GOL T . -6.76 4.68 -6.14
O1 GOL T . -7.73 4.88 -5.13
C2 GOL T . -7.15 3.54 -7.06
O2 GOL T . -8.57 3.63 -7.28
C3 GOL T . -6.34 3.65 -8.36
O3 GOL T . -5.72 2.38 -8.64
C1 GOL U . 0.52 -6.04 29.70
O1 GOL U . -0.70 -6.07 28.95
C2 GOL U . 1.56 -5.21 28.98
O2 GOL U . 2.90 -5.44 29.47
C3 GOL U . 1.51 -5.49 27.48
O3 GOL U . 1.76 -6.83 27.08
C1 GOL V . 11.72 5.46 14.41
O1 GOL V . 11.08 5.65 15.68
C2 GOL V . 13.19 5.81 14.53
O2 GOL V . 13.81 5.46 13.30
C3 GOL V . 13.37 7.30 14.79
O3 GOL V . 12.83 7.67 16.06
C1 GOL W . -14.39 21.74 9.53
O1 GOL W . -13.45 21.16 8.62
C2 GOL W . -15.49 20.72 9.83
O2 GOL W . -16.78 21.36 9.89
C3 GOL W . -15.50 19.69 8.71
O3 GOL W . -14.33 18.86 8.77
MG MG X . -9.26 -8.45 24.36
#